data_2XN2
#
_entry.id   2XN2
#
_cell.length_a   91.610
_cell.length_b   126.700
_cell.length_c   148.360
_cell.angle_alpha   90.00
_cell.angle_beta   90.00
_cell.angle_gamma   90.00
#
_symmetry.space_group_name_H-M   'I 2 2 2'
#
loop_
_entity.id
_entity.type
_entity.pdbx_description
1 polymer ALPHA-GALACTOSIDASE
2 non-polymer alpha-D-galactopyranose
3 non-polymer IMIDAZOLE
4 non-polymer GLYCEROL
5 water water
#
_entity_poly.entity_id   1
_entity_poly.type   'polypeptide(L)'
_entity_poly.pdbx_seq_one_letter_code
;MTSNLIKFDDQNKVFHLHNKQISYLLSIEDGGTLSHLYFGGAVKNYNNQLKYPRLDRGFSGNLPESLDRTFSRDSLPKEY
SSAGEMDFHTPATIVRNPDGSNALFLAYKSYKIEDGKPDLKGLPHSWTKEDDEAQTLIVTLEDKVSKLEYDLLYTIYRDR
PVIVRSVQVHNHGEEAVYLEKVASMQMDYVDKDFEVITLPGAHANERRVQRENIGQGIKVFSSYRGTSSHQMNPFMALVD
HDTNEF(SME)GEAYGFALAYSGNHKFEVERDQFGQIHVNTGINDYNFKWKLNPNEEFQTPEVLMVYSDQGLNKMSQAFH
SLIHERIMRSKFKDQIRPVLVNNWEATYFDFNEDKLKTIVDKAKKLGLEMFVLDDGWFGHRDDDNSSLGDWKVYKKKFPN
GLGHFADYVHEQGLKFGLWFEPEMISYESNLYKEHPDYL(SME)HVPGRKPCPSRNQYVLELGRKEVRDNIFEQMVKILD
SKKIDYIKWDMNRSLSDIYESDLPADQQGEAYHRYVLGYYDLLNKLVTRYPDILFEGCSGGGGRFDVGQAYYTPQIWASD
NTDAIERLKIQYGTSLVYPQSMMTSHVSVSPNEQNGRITPFNTRGAVAMWGDLGYELDLTKMSDEESDQVVKQVTEYKKI
REVTQFGTLYRLKASASNQCAWMMVDSNKNEAVVTVVNVMAHAQPYCTKTKLAGLDPDKRYKNLETDEVFGGDELMHLGF
YDPIERGDFKAKMYHFKAIN
;
_entity_poly.pdbx_strand_id   A
#
loop_
_chem_comp.id
_chem_comp.type
_chem_comp.name
_chem_comp.formula
GLA D-saccharide, alpha linking alpha-D-galactopyranose 'C6 H12 O6'
GOL non-polymer GLYCEROL 'C3 H8 O3'
IMD non-polymer IMIDAZOLE 'C3 H5 N2 1'
#
# COMPACT_ATOMS: atom_id res chain seq x y z
N ASN A 4 12.92 12.40 26.13
CA ASN A 4 13.08 12.65 24.70
C ASN A 4 11.69 12.66 24.05
N LEU A 5 11.32 11.66 23.24
CA LEU A 5 10.02 11.68 22.57
C LEU A 5 8.94 10.95 23.37
N ILE A 6 9.34 10.10 24.28
CA ILE A 6 8.39 9.26 25.01
C ILE A 6 8.65 9.36 26.50
N LYS A 7 7.59 9.64 27.26
CA LYS A 7 7.67 9.76 28.72
C LYS A 7 6.64 8.83 29.38
N PHE A 8 7.01 8.26 30.51
CA PHE A 8 6.07 7.56 31.37
C PHE A 8 6.06 8.25 32.73
N ASP A 9 4.87 8.68 33.16
CA ASP A 9 4.66 9.30 34.46
C ASP A 9 4.11 8.21 35.35
N ASP A 10 4.96 7.74 36.29
CA ASP A 10 4.62 6.62 37.13
C ASP A 10 3.68 7.00 38.29
N GLN A 11 3.41 8.28 38.48
CA GLN A 11 2.44 8.70 39.48
C GLN A 11 1.02 8.65 38.93
N ASN A 12 0.78 9.26 37.77
CA ASN A 12 -0.57 9.22 37.21
CA ASN A 12 -0.55 9.24 37.19
C ASN A 12 -0.77 8.08 36.23
N LYS A 13 0.28 7.31 35.99
CA LYS A 13 0.25 6.13 35.13
C LYS A 13 -0.15 6.49 33.69
N VAL A 14 0.52 7.48 33.13
CA VAL A 14 0.25 8.01 31.79
C VAL A 14 1.52 7.97 30.94
N PHE A 15 1.38 7.42 29.74
CA PHE A 15 2.43 7.40 28.75
C PHE A 15 2.15 8.50 27.72
N HIS A 16 3.16 9.24 27.33
CA HIS A 16 3.01 10.37 26.38
C HIS A 16 4.07 10.26 25.33
N LEU A 17 3.66 10.02 24.08
CA LEU A 17 4.58 10.07 22.96
C LEU A 17 4.35 11.43 22.30
N HIS A 18 5.40 12.24 22.16
CA HIS A 18 5.19 13.51 21.50
C HIS A 18 6.40 14.09 20.80
N ASN A 19 6.09 14.89 19.78
CA ASN A 19 7.11 15.65 19.09
C ASN A 19 6.52 17.05 18.82
N LYS A 20 7.10 17.83 17.91
CA LYS A 20 6.55 19.17 17.66
C LYS A 20 5.19 19.15 16.95
N GLN A 21 4.84 18.03 16.30
CA GLN A 21 3.61 17.93 15.52
C GLN A 21 2.47 17.22 16.24
N ILE A 22 2.76 16.11 16.94
CA ILE A 22 1.72 15.24 17.48
C ILE A 22 1.95 14.87 18.93
N SER A 23 0.85 14.56 19.64
CA SER A 23 0.87 13.87 20.92
C SER A 23 -0.02 12.64 20.84
N TYR A 24 0.39 11.57 21.52
CA TYR A 24 -0.38 10.35 21.70
C TYR A 24 -0.30 10.05 23.18
N LEU A 25 -1.46 9.95 23.82
CA LEU A 25 -1.55 9.73 25.27
C LEU A 25 -2.36 8.47 25.56
N LEU A 26 -1.80 7.61 26.41
CA LEU A 26 -2.53 6.44 26.91
C LEU A 26 -2.28 6.31 28.40
N SER A 27 -3.15 5.57 29.09
CA SER A 27 -3.00 5.43 30.53
C SER A 27 -3.30 4.04 31.03
N ILE A 28 -2.89 3.77 32.26
CA ILE A 28 -3.25 2.53 32.94
C ILE A 28 -4.42 2.85 33.87
N GLU A 29 -5.59 2.30 33.54
CA GLU A 29 -6.84 2.51 34.30
C GLU A 29 -7.11 1.32 35.25
N ASP A 30 -8.22 1.40 35.98
CA ASP A 30 -8.59 0.34 36.92
C ASP A 30 -8.44 -1.05 36.33
N GLY A 31 -8.00 -2.01 37.15
CA GLY A 31 -7.81 -3.38 36.70
C GLY A 31 -6.70 -3.56 35.69
N GLY A 32 -5.78 -2.61 35.63
CA GLY A 32 -4.69 -2.67 34.69
C GLY A 32 -5.17 -2.57 33.25
N THR A 33 -6.23 -1.79 33.03
CA THR A 33 -6.83 -1.71 31.71
C THR A 33 -6.13 -0.59 30.93
N LEU A 34 -5.61 -0.88 29.74
CA LEU A 34 -4.88 0.10 28.97
C LEU A 34 -5.83 0.97 28.16
N SER A 35 -5.86 2.26 28.51
CA SER A 35 -6.89 3.17 28.01
C SER A 35 -6.29 4.13 27.00
N HIS A 36 -7.05 4.41 25.95
CA HIS A 36 -6.63 5.40 24.97
C HIS A 36 -7.16 6.77 25.33
N LEU A 37 -6.27 7.76 25.50
CA LEU A 37 -6.72 9.10 25.86
C LEU A 37 -6.81 10.07 24.69
N TYR A 38 -5.82 10.06 23.81
CA TYR A 38 -5.71 11.11 22.80
C TYR A 38 -4.67 10.82 21.75
N PHE A 39 -4.96 11.21 20.53
CA PHE A 39 -3.98 11.30 19.45
C PHE A 39 -4.39 12.50 18.63
N GLY A 40 -3.44 13.39 18.36
CA GLY A 40 -3.76 14.63 17.65
C GLY A 40 -2.62 15.60 17.74
N GLY A 41 -2.93 16.89 17.59
CA GLY A 41 -1.90 17.89 17.66
C GLY A 41 -1.14 17.87 18.99
N ALA A 42 0.15 18.23 18.97
CA ALA A 42 1.01 18.14 20.15
C ALA A 42 0.58 19.03 21.31
N VAL A 43 0.75 18.50 22.51
CA VAL A 43 0.70 19.31 23.74
C VAL A 43 1.96 19.06 24.56
N LYS A 44 2.36 20.05 25.34
CA LYS A 44 3.62 19.93 26.08
C LYS A 44 3.45 19.03 27.31
N ASN A 45 2.28 19.06 27.94
CA ASN A 45 2.03 18.37 29.19
C ASN A 45 0.61 17.85 29.25
N TYR A 46 0.36 16.95 30.20
CA TYR A 46 -0.96 16.38 30.41
C TYR A 46 -1.26 16.44 31.92
N ASN A 47 -2.48 16.84 32.27
CA ASN A 47 -2.82 17.05 33.67
C ASN A 47 -4.14 16.38 34.08
N ASN A 48 -4.35 15.15 33.60
CA ASN A 48 -5.42 14.25 34.07
C ASN A 48 -6.84 14.65 33.67
N GLN A 49 -6.95 15.60 32.74
CA GLN A 49 -8.26 16.13 32.39
C GLN A 49 -9.04 15.23 31.41
N LEU A 50 -8.41 14.15 30.90
CA LEU A 50 -9.12 13.21 30.05
C LEU A 50 -9.45 11.90 30.76
N LYS A 51 -9.40 11.93 32.08
CA LYS A 51 -9.90 10.79 32.85
C LYS A 51 -11.37 10.52 32.44
N TYR A 52 -11.68 9.30 32.01
CA TYR A 52 -13.02 9.00 31.48
C TYR A 52 -14.09 9.09 32.54
N PRO A 53 -15.22 9.75 32.21
CA PRO A 53 -16.23 9.84 33.26
C PRO A 53 -16.66 8.47 33.76
N ARG A 54 -16.94 8.42 35.05
CA ARG A 54 -17.39 7.16 35.70
C ARG A 54 -18.91 7.16 35.83
N LEU A 55 -19.57 6.35 35.02
CA LEU A 55 -21.02 6.27 34.99
C LEU A 55 -21.40 4.80 35.07
N ASP A 56 -22.48 4.52 35.81
CA ASP A 56 -23.13 3.20 35.79
C ASP A 56 -23.97 3.12 34.51
N ARG A 57 -23.48 2.32 33.55
CA ARG A 57 -24.12 2.17 32.25
C ARG A 57 -24.78 0.81 32.25
N GLY A 58 -26.11 0.78 32.12
CA GLY A 58 -26.84 -0.49 32.10
C GLY A 58 -26.28 -1.50 31.12
N PHE A 59 -26.01 -2.70 31.65
CA PHE A 59 -25.56 -3.88 30.91
C PHE A 59 -24.09 -3.82 30.52
N SER A 60 -23.39 -2.76 30.94
CA SER A 60 -21.92 -2.71 30.79
C SER A 60 -21.30 -3.12 32.12
N GLY A 61 -20.96 -4.39 32.19
CA GLY A 61 -20.52 -4.99 33.44
C GLY A 61 -19.10 -4.69 33.83
N ASN A 62 -18.70 -5.29 34.95
CA ASN A 62 -17.57 -4.76 35.71
C ASN A 62 -16.40 -5.74 35.86
N LEU A 63 -15.32 -5.30 36.51
CA LEU A 63 -14.15 -6.14 36.70
C LEU A 63 -14.46 -7.34 37.64
N PRO A 64 -13.75 -8.46 37.46
CA PRO A 64 -13.95 -9.58 38.38
C PRO A 64 -13.75 -9.16 39.84
N GLU A 65 -14.69 -9.56 40.69
CA GLU A 65 -14.67 -9.29 42.13
C GLU A 65 -14.87 -7.82 42.50
N SER A 66 -15.18 -6.99 41.53
CA SER A 66 -15.38 -5.59 41.79
C SER A 66 -16.81 -5.30 42.19
N LEU A 67 -16.97 -4.36 43.11
CA LEU A 67 -18.28 -3.81 43.43
C LEU A 67 -18.52 -2.45 42.77
N ASP A 68 -17.54 -1.93 42.05
CA ASP A 68 -17.66 -0.62 41.41
C ASP A 68 -18.38 -0.74 40.06
N ARG A 69 -19.64 -0.35 40.01
CA ARG A 69 -20.40 -0.45 38.76
C ARG A 69 -20.12 0.65 37.75
N THR A 70 -19.31 1.66 38.11
CA THR A 70 -19.13 2.81 37.28
C THR A 70 -17.87 2.73 36.43
N PHE A 71 -17.17 1.61 36.52
CA PHE A 71 -16.04 1.33 35.63
C PHE A 71 -16.32 0.05 34.86
N SER A 72 -16.18 0.10 33.55
CA SER A 72 -16.46 -1.07 32.70
C SER A 72 -15.53 -1.12 31.49
N ARG A 73 -14.97 -2.30 31.26
CA ARG A 73 -14.21 -2.55 30.03
C ARG A 73 -15.09 -2.53 28.77
N ASP A 74 -16.41 -2.44 28.93
CA ASP A 74 -17.32 -2.31 27.78
C ASP A 74 -17.61 -0.86 27.43
N SER A 75 -17.24 0.08 28.30
CA SER A 75 -17.45 1.52 27.99
C SER A 75 -16.17 2.34 27.78
N LEU A 76 -15.13 2.01 28.55
CA LEU A 76 -13.85 2.76 28.51
C LEU A 76 -13.22 2.73 27.14
N PRO A 77 -12.68 3.85 26.69
CA PRO A 77 -11.87 3.82 25.47
C PRO A 77 -10.54 3.16 25.73
N LYS A 78 -10.14 2.26 24.83
CA LYS A 78 -9.00 1.37 25.10
C LYS A 78 -8.06 1.30 23.92
N GLU A 79 -6.85 0.85 24.24
CA GLU A 79 -5.78 0.62 23.28
C GLU A 79 -5.83 -0.80 22.70
N TYR A 80 -6.67 -1.66 23.27
CA TYR A 80 -6.78 -3.06 22.86
C TYR A 80 -7.97 -3.66 23.56
N SER A 81 -8.34 -4.87 23.18
CA SER A 81 -9.46 -5.57 23.77
C SER A 81 -9.43 -7.03 23.36
N SER A 82 -10.25 -7.84 24.05
CA SER A 82 -10.32 -9.26 23.72
C SER A 82 -11.73 -9.78 23.96
N ALA A 83 -12.03 -10.96 23.42
CA ALA A 83 -13.19 -11.69 23.92
C ALA A 83 -12.89 -12.19 25.32
N GLY A 84 -13.92 -12.23 26.15
CA GLY A 84 -13.82 -12.83 27.47
C GLY A 84 -13.53 -11.87 28.62
N GLU A 85 -13.56 -10.57 28.35
CA GLU A 85 -13.23 -9.55 29.36
C GLU A 85 -14.38 -8.59 29.68
N MET A 86 -15.60 -8.95 29.29
CA MET A 86 -16.78 -8.10 29.53
C MET A 86 -16.79 -6.86 28.64
N ASP A 87 -16.31 -7.04 27.42
CA ASP A 87 -16.37 -6.00 26.40
C ASP A 87 -17.16 -6.59 25.25
N PHE A 88 -18.17 -5.86 24.78
CA PHE A 88 -19.01 -6.35 23.70
C PHE A 88 -18.82 -5.63 22.35
N HIS A 89 -17.77 -4.82 22.26
CA HIS A 89 -17.30 -4.33 20.98
C HIS A 89 -16.64 -5.46 20.19
N THR A 90 -16.45 -5.26 18.89
CA THR A 90 -15.68 -6.25 18.15
C THR A 90 -14.25 -6.25 18.71
N PRO A 91 -13.78 -7.40 19.18
CA PRO A 91 -12.54 -7.40 19.96
C PRO A 91 -11.26 -7.38 19.11
N ALA A 92 -10.19 -6.78 19.63
CA ALA A 92 -8.93 -6.76 18.88
C ALA A 92 -8.33 -8.17 18.80
N THR A 93 -8.48 -8.98 19.83
CA THR A 93 -7.95 -10.33 19.80
C THR A 93 -8.92 -11.36 20.39
N ILE A 94 -8.83 -12.57 19.85
CA ILE A 94 -9.60 -13.72 20.32
C ILE A 94 -8.66 -14.91 20.41
N VAL A 95 -8.65 -15.57 21.56
CA VAL A 95 -7.79 -16.74 21.83
C VAL A 95 -8.71 -17.92 22.18
N ARG A 96 -8.33 -19.09 21.70
CA ARG A 96 -9.00 -20.34 22.06
C ARG A 96 -8.05 -21.15 22.94
N ASN A 97 -8.54 -21.52 24.12
CA ASN A 97 -7.73 -22.22 25.09
C ASN A 97 -7.97 -23.73 25.02
N PRO A 98 -7.10 -24.51 25.65
CA PRO A 98 -7.28 -25.98 25.68
C PRO A 98 -8.61 -26.42 26.27
N ASP A 99 -9.18 -25.64 27.19
CA ASP A 99 -10.49 -25.98 27.76
C ASP A 99 -11.65 -25.68 26.81
N GLY A 100 -11.36 -25.14 25.62
CA GLY A 100 -12.37 -24.84 24.61
C GLY A 100 -12.94 -23.43 24.72
N SER A 101 -12.60 -22.71 25.78
CA SER A 101 -13.16 -21.37 25.97
C SER A 101 -12.45 -20.39 25.05
N ASN A 102 -13.08 -19.24 24.88
CA ASN A 102 -12.48 -18.10 24.20
C ASN A 102 -12.08 -17.03 25.22
N ALA A 103 -11.75 -17.42 26.44
CA ALA A 103 -11.39 -16.45 27.48
C ALA A 103 -9.96 -15.88 27.35
N LEU A 104 -9.86 -14.54 27.40
CA LEU A 104 -8.58 -13.84 27.59
C LEU A 104 -8.89 -12.60 28.45
N PHE A 105 -8.13 -12.41 29.50
CA PHE A 105 -8.28 -11.25 30.36
C PHE A 105 -6.92 -10.63 30.59
N LEU A 106 -6.61 -9.64 29.76
CA LEU A 106 -5.30 -9.01 29.80
C LEU A 106 -5.28 -7.86 30.82
N ALA A 107 -4.14 -7.73 31.50
CA ALA A 107 -3.92 -6.65 32.47
C ALA A 107 -2.48 -6.16 32.29
N TYR A 108 -2.30 -4.86 32.52
CA TYR A 108 -0.99 -4.25 32.40
C TYR A 108 0.02 -5.00 33.24
N LYS A 109 1.18 -5.26 32.64
CA LYS A 109 2.29 -5.89 33.34
C LYS A 109 3.50 -4.96 33.44
N SER A 110 3.95 -4.43 32.31
CA SER A 110 5.19 -3.62 32.31
C SER A 110 5.31 -2.80 31.03
N TYR A 111 6.43 -2.08 30.92
CA TYR A 111 6.68 -1.25 29.74
C TYR A 111 8.20 -1.21 29.50
N LYS A 112 8.60 -0.78 28.31
CA LYS A 112 9.95 -0.35 28.06
C LYS A 112 9.96 0.72 26.99
N ILE A 113 11.00 1.55 27.01
CA ILE A 113 11.19 2.60 26.03
C ILE A 113 12.57 2.44 25.43
N GLU A 114 12.64 2.31 24.11
CA GLU A 114 13.86 2.03 23.39
C GLU A 114 14.09 3.10 22.34
N ASP A 115 15.34 3.33 21.98
CA ASP A 115 15.60 4.13 20.81
C ASP A 115 15.41 3.29 19.55
N GLY A 116 15.15 3.97 18.44
CA GLY A 116 14.85 3.31 17.18
C GLY A 116 13.54 2.53 17.19
N LYS A 117 13.46 1.50 16.36
CA LYS A 117 12.34 0.59 16.39
C LYS A 117 12.81 -0.77 15.97
N PRO A 118 12.21 -1.81 16.55
CA PRO A 118 12.66 -3.18 16.29
C PRO A 118 12.30 -3.69 14.91
N ASP A 119 13.18 -4.49 14.35
CA ASP A 119 12.88 -5.18 13.09
C ASP A 119 11.77 -6.18 13.36
N LEU A 120 10.83 -6.35 12.41
CA LEU A 120 9.74 -7.30 12.56
C LEU A 120 10.16 -8.57 11.80
N LYS A 121 10.26 -9.66 12.53
CA LYS A 121 10.75 -10.92 11.95
C LYS A 121 9.81 -11.44 10.85
N GLY A 122 10.34 -11.58 9.65
CA GLY A 122 9.58 -12.22 8.57
C GLY A 122 8.57 -11.31 7.86
N LEU A 123 8.56 -10.02 8.22
CA LEU A 123 7.56 -9.08 7.71
C LEU A 123 8.23 -7.78 7.27
N PRO A 124 7.61 -7.10 6.30
CA PRO A 124 8.07 -5.75 5.94
C PRO A 124 7.74 -4.79 7.08
N HIS A 125 8.46 -3.69 7.17
CA HIS A 125 8.25 -2.74 8.27
C HIS A 125 9.01 -1.46 7.97
N SER A 126 8.57 -0.36 8.59
CA SER A 126 9.34 0.85 8.62
C SER A 126 10.54 0.69 9.56
N TRP A 127 11.56 1.53 9.34
CA TRP A 127 12.86 1.34 9.99
C TRP A 127 13.49 2.72 10.21
N THR A 128 14.66 2.75 10.83
CA THR A 128 15.40 3.99 11.06
C THR A 128 16.81 3.84 10.47
N LYS A 129 17.40 4.95 10.03
CA LYS A 129 18.78 4.96 9.56
C LYS A 129 19.73 5.25 10.75
N GLU A 130 19.29 6.12 11.65
CA GLU A 130 19.96 6.32 12.94
C GLU A 130 18.98 6.18 14.10
N ASP A 131 19.46 5.71 15.25
CA ASP A 131 18.57 5.46 16.38
C ASP A 131 17.90 6.72 16.90
N ASP A 132 18.56 7.87 16.80
CA ASP A 132 17.93 9.11 17.26
C ASP A 132 16.75 9.61 16.38
N GLU A 133 16.46 8.90 15.30
CA GLU A 133 15.31 9.26 14.45
C GLU A 133 13.95 8.96 15.12
N ALA A 134 13.92 8.04 16.07
CA ALA A 134 12.65 7.57 16.61
C ALA A 134 12.85 6.94 17.98
N GLN A 135 11.73 6.73 18.69
CA GLN A 135 11.73 5.94 19.90
C GLN A 135 10.51 5.03 19.86
N THR A 136 10.57 3.93 20.57
CA THR A 136 9.50 2.93 20.61
C THR A 136 9.17 2.58 22.05
N LEU A 137 7.88 2.70 22.39
CA LEU A 137 7.34 2.25 23.65
C LEU A 137 6.75 0.89 23.41
N ILE A 138 7.07 -0.06 24.27
CA ILE A 138 6.44 -1.38 24.23
CA ILE A 138 6.43 -1.38 24.24
C ILE A 138 5.74 -1.62 25.57
N VAL A 139 4.43 -1.73 25.55
CA VAL A 139 3.67 -1.99 26.76
C VAL A 139 3.28 -3.47 26.76
N THR A 140 3.57 -4.16 27.85
CA THR A 140 3.22 -5.58 27.92
C THR A 140 2.01 -5.75 28.80
N LEU A 141 1.04 -6.49 28.29
CA LEU A 141 -0.17 -6.91 29.00
C LEU A 141 -0.12 -8.43 29.21
N GLU A 142 -0.66 -8.95 30.30
CA GLU A 142 -0.57 -10.39 30.54
C GLU A 142 -1.94 -10.94 30.97
N ASP A 143 -2.19 -12.20 30.64
CA ASP A 143 -3.26 -12.98 31.25
C ASP A 143 -2.59 -13.95 32.23
N LYS A 144 -2.82 -13.75 33.51
CA LYS A 144 -2.13 -14.53 34.53
C LYS A 144 -2.58 -15.99 34.62
N VAL A 145 -3.72 -16.29 34.01
CA VAL A 145 -4.23 -17.66 34.02
C VAL A 145 -3.69 -18.47 32.84
N SER A 146 -3.80 -17.95 31.62
CA SER A 146 -3.27 -18.63 30.46
C SER A 146 -1.76 -18.36 30.24
N LYS A 147 -1.19 -17.44 31.00
CA LYS A 147 0.22 -17.08 30.89
C LYS A 147 0.59 -16.58 29.51
N LEU A 148 -0.31 -15.85 28.88
CA LEU A 148 -0.02 -15.20 27.61
C LEU A 148 0.40 -13.76 27.87
N GLU A 149 1.35 -13.26 27.09
CA GLU A 149 1.72 -11.84 27.16
C GLU A 149 1.54 -11.22 25.77
N TYR A 150 0.95 -10.04 25.74
CA TYR A 150 0.81 -9.24 24.51
C TYR A 150 1.68 -8.00 24.64
N ASP A 151 2.64 -7.84 23.72
CA ASP A 151 3.44 -6.62 23.66
C ASP A 151 2.83 -5.73 22.61
N LEU A 152 2.49 -4.51 23.04
CA LEU A 152 1.94 -3.49 22.15
C LEU A 152 3.08 -2.50 21.86
N LEU A 153 3.51 -2.48 20.59
CA LEU A 153 4.57 -1.58 20.13
C LEU A 153 4.02 -0.28 19.58
N TYR A 154 4.64 0.84 19.99
CA TYR A 154 4.29 2.18 19.55
C TYR A 154 5.57 2.93 19.17
N THR A 155 5.72 3.31 17.92
CA THR A 155 6.90 4.07 17.52
C THR A 155 6.53 5.46 17.09
N ILE A 156 7.29 6.44 17.57
CA ILE A 156 7.15 7.82 17.14
C ILE A 156 8.48 8.28 16.51
N TYR A 157 8.42 8.82 15.30
CA TYR A 157 9.59 9.47 14.67
C TYR A 157 9.70 10.93 15.14
N ARG A 158 10.92 11.41 15.32
CA ARG A 158 11.17 12.76 15.81
CA ARG A 158 11.15 12.75 15.80
C ARG A 158 10.53 13.84 14.93
N ASP A 159 10.54 13.63 13.63
CA ASP A 159 10.14 14.72 12.74
C ASP A 159 8.98 14.43 11.79
N ARG A 160 8.09 13.53 12.20
CA ARG A 160 6.93 13.12 11.35
C ARG A 160 5.68 13.03 12.23
N PRO A 161 4.50 13.29 11.64
CA PRO A 161 3.23 13.22 12.37
C PRO A 161 2.67 11.79 12.36
N VAL A 162 3.50 10.84 12.77
CA VAL A 162 3.24 9.42 12.59
C VAL A 162 3.41 8.65 13.87
N ILE A 163 2.49 7.71 14.11
CA ILE A 163 2.68 6.68 15.14
C ILE A 163 2.54 5.35 14.40
N VAL A 164 3.48 4.45 14.65
CA VAL A 164 3.42 3.08 14.08
C VAL A 164 3.15 2.09 15.18
N ARG A 165 2.18 1.20 14.97
CA ARG A 165 1.78 0.21 15.97
C ARG A 165 1.81 -1.21 15.43
N SER A 166 2.21 -2.14 16.30
CA SER A 166 2.05 -3.57 16.03
C SER A 166 1.93 -4.31 17.36
N VAL A 167 1.75 -5.63 17.29
CA VAL A 167 1.54 -6.47 18.47
C VAL A 167 2.38 -7.73 18.37
N GLN A 168 2.96 -8.18 19.48
CA GLN A 168 3.63 -9.47 19.50
C GLN A 168 3.03 -10.26 20.67
N VAL A 169 2.59 -11.48 20.39
CA VAL A 169 2.00 -12.36 21.41
C VAL A 169 3.00 -13.43 21.80
N HIS A 170 3.08 -13.73 23.10
CA HIS A 170 4.07 -14.69 23.63
C HIS A 170 3.33 -15.68 24.51
N ASN A 171 3.59 -16.96 24.32
CA ASN A 171 2.97 -17.97 25.17
C ASN A 171 3.99 -18.46 26.21
N HIS A 172 3.78 -18.08 27.45
CA HIS A 172 4.65 -18.53 28.57
C HIS A 172 4.01 -19.59 29.43
N GLY A 173 2.98 -20.25 28.88
CA GLY A 173 2.30 -21.33 29.57
C GLY A 173 2.84 -22.71 29.18
N GLU A 174 2.14 -23.74 29.65
CA GLU A 174 2.61 -25.11 29.45
C GLU A 174 1.93 -25.81 28.30
N GLU A 175 0.83 -25.21 27.80
CA GLU A 175 0.11 -25.79 26.66
C GLU A 175 -0.07 -24.74 25.57
N ALA A 176 -0.37 -25.21 24.36
CA ALA A 176 -0.58 -24.34 23.22
C ALA A 176 -1.91 -23.63 23.39
N VAL A 177 -2.04 -22.47 22.77
CA VAL A 177 -3.34 -21.83 22.58
C VAL A 177 -3.47 -21.59 21.07
N TYR A 178 -4.67 -21.28 20.61
CA TYR A 178 -4.86 -20.90 19.18
C TYR A 178 -5.27 -19.46 19.14
N LEU A 179 -4.59 -18.66 18.34
CA LEU A 179 -4.96 -17.26 18.12
C LEU A 179 -5.97 -17.19 16.99
N GLU A 180 -7.21 -16.86 17.31
CA GLU A 180 -8.25 -16.77 16.29
C GLU A 180 -8.39 -15.39 15.68
N LYS A 181 -7.82 -14.39 16.35
CA LYS A 181 -7.74 -13.03 15.82
C LYS A 181 -6.67 -12.29 16.57
N VAL A 182 -5.81 -11.56 15.86
CA VAL A 182 -4.89 -10.65 16.52
CA VAL A 182 -4.84 -10.66 16.50
C VAL A 182 -4.71 -9.37 15.70
N ALA A 183 -5.42 -8.32 16.09
CA ALA A 183 -5.29 -7.03 15.42
C ALA A 183 -3.97 -6.40 15.74
N SER A 184 -3.48 -5.59 14.79
CA SER A 184 -2.26 -4.84 14.97
C SER A 184 -2.43 -3.62 15.89
N MET A 185 -3.66 -3.12 15.98
CA MET A 185 -3.93 -1.99 16.82
CA MET A 185 -3.92 -1.90 16.72
C MET A 185 -5.42 -1.76 16.99
N GLN A 186 -5.74 -1.07 18.07
CA GLN A 186 -7.09 -0.61 18.40
C GLN A 186 -6.97 0.84 18.89
N MET A 187 -7.91 1.68 18.49
CA MET A 187 -7.97 3.05 19.01
C MET A 187 -9.46 3.43 19.13
N ASP A 188 -9.83 4.04 20.27
CA ASP A 188 -11.20 4.40 20.54
C ASP A 188 -11.32 5.88 20.78
N TYR A 189 -12.19 6.52 20.03
CA TYR A 189 -12.39 7.96 20.12
C TYR A 189 -13.68 8.29 20.86
N VAL A 190 -13.63 9.36 21.64
CA VAL A 190 -14.78 9.89 22.35
C VAL A 190 -15.20 11.25 21.75
N ASP A 191 -16.50 11.42 21.52
CA ASP A 191 -17.08 12.69 21.05
C ASP A 191 -16.45 13.18 19.74
N LYS A 192 -16.29 12.24 18.80
CA LYS A 192 -15.90 12.58 17.44
C LYS A 192 -16.97 12.16 16.44
N ASP A 193 -17.30 13.04 15.52
CA ASP A 193 -18.31 12.72 14.52
C ASP A 193 -17.66 12.62 13.15
N PHE A 194 -16.93 11.56 12.92
CA PHE A 194 -16.12 11.44 11.73
C PHE A 194 -16.92 10.88 10.55
N GLU A 195 -16.39 11.14 9.35
CA GLU A 195 -16.67 10.38 8.13
C GLU A 195 -15.47 9.46 7.90
N VAL A 196 -15.67 8.40 7.12
CA VAL A 196 -14.62 7.43 6.84
C VAL A 196 -14.39 7.36 5.34
N ILE A 197 -13.11 7.51 4.98
CA ILE A 197 -12.65 7.43 3.60
C ILE A 197 -11.93 6.11 3.37
N THR A 198 -12.30 5.39 2.29
CA THR A 198 -11.63 4.15 1.91
C THR A 198 -11.42 4.14 0.40
N LEU A 199 -10.75 3.10 -0.08
CA LEU A 199 -10.37 2.98 -1.47
C LEU A 199 -10.85 1.64 -2.02
N PRO A 200 -12.16 1.54 -2.27
CA PRO A 200 -12.73 0.32 -2.87
C PRO A 200 -12.43 0.26 -4.35
N GLY A 201 -12.69 -0.90 -4.94
CA GLY A 201 -12.58 -1.03 -6.37
C GLY A 201 -12.83 -2.43 -6.89
N ALA A 202 -12.21 -2.74 -8.02
CA ALA A 202 -12.31 -4.02 -8.69
C ALA A 202 -11.13 -4.14 -9.64
N HIS A 203 -11.01 -5.26 -10.31
CA HIS A 203 -10.00 -5.36 -11.35
C HIS A 203 -10.27 -4.28 -12.42
N ALA A 204 -9.21 -3.65 -12.88
CA ALA A 204 -9.29 -2.54 -13.85
C ALA A 204 -10.14 -1.37 -13.37
N ASN A 205 -10.23 -1.22 -12.05
CA ASN A 205 -11.05 -0.17 -11.44
C ASN A 205 -10.65 0.01 -9.97
N GLU A 206 -9.35 0.07 -9.70
CA GLU A 206 -8.88 0.13 -8.32
C GLU A 206 -8.98 1.51 -7.69
N ARG A 207 -9.20 1.50 -6.37
CA ARG A 207 -8.92 2.64 -5.50
C ARG A 207 -9.61 3.91 -5.90
N ARG A 208 -10.92 3.86 -6.12
CA ARG A 208 -11.65 5.11 -6.18
C ARG A 208 -11.79 5.64 -4.75
N VAL A 209 -11.88 6.94 -4.60
CA VAL A 209 -12.07 7.48 -3.26
C VAL A 209 -13.56 7.35 -2.91
N GLN A 210 -13.83 6.71 -1.78
CA GLN A 210 -15.19 6.62 -1.21
C GLN A 210 -15.23 7.28 0.15
N ARG A 211 -16.29 8.02 0.44
CA ARG A 211 -16.42 8.73 1.71
C ARG A 211 -17.81 8.57 2.26
N GLU A 212 -17.92 8.16 3.51
CA GLU A 212 -19.19 7.75 4.12
C GLU A 212 -19.38 8.33 5.52
N ASN A 213 -20.63 8.54 5.89
CA ASN A 213 -20.93 8.74 7.30
C ASN A 213 -20.81 7.42 8.07
N ILE A 214 -20.68 7.54 9.38
CA ILE A 214 -20.53 6.40 10.25
C ILE A 214 -21.72 6.26 11.17
N GLY A 215 -22.49 5.18 11.02
CA GLY A 215 -23.66 4.99 11.89
C GLY A 215 -23.35 3.90 12.91
N GLN A 216 -24.22 3.77 13.91
CA GLN A 216 -24.03 2.77 14.94
C GLN A 216 -24.06 1.40 14.29
N GLY A 217 -23.16 0.54 14.72
CA GLY A 217 -22.92 -0.75 14.09
C GLY A 217 -21.45 -0.80 13.70
N ILE A 218 -21.06 -1.79 12.90
CA ILE A 218 -19.65 -1.99 12.54
C ILE A 218 -19.50 -1.96 11.02
N LYS A 219 -18.65 -1.09 10.49
CA LYS A 219 -18.37 -1.07 9.07
C LYS A 219 -17.03 -1.75 8.87
N VAL A 220 -16.97 -2.68 7.92
CA VAL A 220 -15.81 -3.56 7.74
C VAL A 220 -15.28 -3.41 6.32
N PHE A 221 -13.98 -3.13 6.21
CA PHE A 221 -13.30 -3.00 4.93
C PHE A 221 -12.20 -4.07 4.97
N SER A 222 -12.22 -5.04 4.05
CA SER A 222 -11.42 -6.26 4.22
C SER A 222 -11.10 -6.95 2.92
N SER A 223 -10.25 -7.96 3.02
CA SER A 223 -9.98 -8.91 1.94
C SER A 223 -9.89 -10.32 2.50
N TYR A 224 -10.42 -11.29 1.76
CA TYR A 224 -10.27 -12.74 2.01
C TYR A 224 -9.48 -13.41 0.89
N ARG A 225 -8.93 -12.63 -0.02
CA ARG A 225 -8.41 -13.22 -1.27
C ARG A 225 -6.97 -13.72 -1.16
N GLY A 226 -6.36 -13.58 0.01
CA GLY A 226 -4.96 -14.01 0.21
C GLY A 226 -3.96 -12.93 -0.21
N THR A 227 -4.52 -11.82 -0.70
CA THR A 227 -3.81 -10.63 -1.18
C THR A 227 -4.49 -9.41 -0.60
N SER A 228 -3.85 -8.24 -0.65
CA SER A 228 -4.45 -7.02 -0.11
C SER A 228 -5.64 -6.58 -0.96
N SER A 229 -5.60 -6.87 -2.27
CA SER A 229 -6.76 -6.93 -3.19
C SER A 229 -7.01 -5.68 -4.03
N HIS A 230 -7.67 -5.89 -5.18
CA HIS A 230 -8.20 -4.81 -6.00
C HIS A 230 -9.46 -4.20 -5.38
N GLN A 231 -10.21 -5.02 -4.63
CA GLN A 231 -11.57 -4.64 -4.22
C GLN A 231 -11.62 -3.66 -3.02
N MET A 232 -10.58 -3.69 -2.17
CA MET A 232 -10.53 -2.82 -1.00
C MET A 232 -9.07 -2.73 -0.57
N ASN A 233 -8.48 -1.55 -0.72
CA ASN A 233 -7.12 -1.37 -0.27
C ASN A 233 -7.00 -1.40 1.26
N PRO A 234 -5.86 -1.84 1.78
CA PRO A 234 -5.70 -1.84 3.24
C PRO A 234 -5.33 -0.46 3.79
N PHE A 235 -6.33 0.39 3.74
CA PHE A 235 -6.22 1.77 4.15
C PHE A 235 -7.57 2.31 4.55
N MET A 236 -7.60 3.18 5.56
CA MET A 236 -8.78 4.05 5.73
CA MET A 236 -8.77 4.02 5.77
C MET A 236 -8.36 5.33 6.40
N ALA A 237 -9.18 6.37 6.24
CA ALA A 237 -8.93 7.62 6.96
C ALA A 237 -10.20 8.06 7.64
N LEU A 238 -10.08 8.55 8.85
CA LEU A 238 -11.20 9.15 9.56
C LEU A 238 -11.02 10.65 9.52
N VAL A 239 -12.06 11.35 9.08
CA VAL A 239 -11.98 12.80 8.83
C VAL A 239 -13.18 13.53 9.40
N ASP A 240 -12.97 14.79 9.72
CA ASP A 240 -14.04 15.71 10.02
CA ASP A 240 -14.10 15.62 10.08
C ASP A 240 -14.98 15.84 8.84
N HIS A 241 -16.27 16.10 9.09
CA HIS A 241 -17.20 16.32 8.00
C HIS A 241 -16.68 17.37 7.01
N ASP A 242 -15.98 18.38 7.51
CA ASP A 242 -15.56 19.52 6.66
C ASP A 242 -14.12 19.41 6.16
N THR A 243 -13.46 18.30 6.42
CA THR A 243 -12.11 18.09 5.89
C THR A 243 -12.12 17.94 4.38
N ASN A 244 -11.11 18.54 3.73
CA ASN A 244 -10.94 18.43 2.31
C ASN A 244 -9.46 18.29 1.99
N GLU A 245 -9.05 18.53 0.75
CA GLU A 245 -7.63 18.34 0.43
C GLU A 245 -6.72 19.33 1.12
N PHE A 246 -7.28 20.47 1.55
CA PHE A 246 -6.43 21.55 2.04
CA PHE A 246 -6.50 21.63 1.99
C PHE A 246 -6.64 22.02 3.46
N SME A 247 -7.69 21.52 4.11
CA SME A 247 -7.95 21.89 5.49
CB SME A 247 -8.68 23.18 5.62
CG SME A 247 -10.05 23.09 5.10
S SME A 247 -10.89 24.69 5.17
OE SME A 247 -10.10 25.61 4.02
CE SME A 247 -12.67 24.33 4.86
C SME A 247 -8.68 20.82 6.23
O SME A 247 -9.29 19.92 5.58
H2 SME A 247 -6.86 21.15 4.04
H SME A 247 -8.31 20.94 3.78
HA SME A 247 -6.98 22.03 5.96
HB2 SME A 247 -8.19 23.88 5.14
HB3 SME A 247 -8.73 23.41 6.56
HG2 SME A 247 -10.02 22.80 4.18
HG3 SME A 247 -10.56 22.44 5.63
HE1 SME A 247 -13.02 23.79 5.59
HE2 SME A 247 -12.76 23.84 4.02
HE3 SME A 247 -13.17 25.17 4.80
N GLY A 248 -8.63 20.87 7.56
CA GLY A 248 -9.40 19.95 8.40
C GLY A 248 -8.61 18.77 8.89
N GLU A 249 -9.07 18.12 9.96
CA GLU A 249 -8.29 17.03 10.52
C GLU A 249 -8.54 15.69 9.79
N ALA A 250 -7.51 14.87 9.77
CA ALA A 250 -7.59 13.54 9.15
C ALA A 250 -6.68 12.61 9.92
N TYR A 251 -7.18 11.41 10.20
CA TYR A 251 -6.39 10.33 10.75
C TYR A 251 -6.34 9.25 9.70
N GLY A 252 -5.15 8.99 9.18
CA GLY A 252 -4.98 7.92 8.22
C GLY A 252 -4.36 6.66 8.83
N PHE A 253 -4.77 5.51 8.32
CA PHE A 253 -4.31 4.21 8.81
C PHE A 253 -3.96 3.31 7.61
N ALA A 254 -2.70 2.92 7.47
CA ALA A 254 -2.31 2.03 6.38
C ALA A 254 -1.64 0.79 6.96
N LEU A 255 -2.14 -0.40 6.60
CA LEU A 255 -1.57 -1.64 7.14
C LEU A 255 -0.48 -2.13 6.25
N ALA A 256 0.70 -2.33 6.81
CA ALA A 256 1.87 -2.82 6.08
C ALA A 256 1.80 -4.36 5.95
N TYR A 257 0.88 -4.82 5.11
CA TYR A 257 0.62 -6.25 4.93
C TYR A 257 0.00 -6.45 3.57
N SER A 258 0.35 -7.59 2.94
CA SER A 258 0.01 -7.82 1.53
C SER A 258 -0.91 -9.01 1.39
N GLY A 259 -1.45 -9.46 2.53
CA GLY A 259 -2.45 -10.53 2.54
C GLY A 259 -3.82 -10.06 2.98
N ASN A 260 -4.56 -10.96 3.63
CA ASN A 260 -5.91 -10.61 4.11
C ASN A 260 -5.89 -9.57 5.23
N HIS A 261 -6.65 -8.49 5.05
CA HIS A 261 -6.71 -7.43 6.03
C HIS A 261 -8.15 -7.27 6.52
N LYS A 262 -8.31 -6.61 7.68
CA LYS A 262 -9.62 -6.22 8.16
C LYS A 262 -9.54 -4.93 8.94
N PHE A 263 -10.27 -3.94 8.44
CA PHE A 263 -10.38 -2.64 9.10
C PHE A 263 -11.81 -2.60 9.59
N GLU A 264 -12.00 -2.39 10.90
CA GLU A 264 -13.32 -2.32 11.54
C GLU A 264 -13.51 -0.96 12.15
N VAL A 265 -14.63 -0.31 11.81
CA VAL A 265 -14.98 0.97 12.37
C VAL A 265 -16.36 0.82 13.00
N GLU A 266 -16.38 0.82 14.33
CA GLU A 266 -17.62 0.56 15.09
C GLU A 266 -18.01 1.82 15.83
N ARG A 267 -19.20 2.34 15.56
CA ARG A 267 -19.77 3.44 16.35
C ARG A 267 -20.70 2.78 17.35
N ASP A 268 -20.41 3.00 18.64
CA ASP A 268 -21.04 2.22 19.67
C ASP A 268 -22.20 2.92 20.34
N GLN A 269 -22.77 2.24 21.33
CA GLN A 269 -23.98 2.70 21.96
C GLN A 269 -23.88 3.99 22.74
N PHE A 270 -22.64 4.41 23.05
CA PHE A 270 -22.38 5.68 23.72
C PHE A 270 -21.75 6.70 22.76
N GLY A 271 -21.84 6.47 21.46
CA GLY A 271 -21.41 7.45 20.46
C GLY A 271 -19.91 7.43 20.19
N GLN A 272 -19.19 6.50 20.82
CA GLN A 272 -17.75 6.38 20.63
C GLN A 272 -17.43 5.63 19.38
N ILE A 273 -16.27 5.95 18.78
CA ILE A 273 -15.85 5.28 17.56
C ILE A 273 -14.63 4.41 17.87
N HIS A 274 -14.84 3.11 17.74
CA HIS A 274 -13.86 2.06 18.06
C HIS A 274 -13.33 1.47 16.77
N VAL A 275 -12.01 1.52 16.60
CA VAL A 275 -11.35 1.06 15.39
C VAL A 275 -10.37 -0.06 15.70
N ASN A 276 -10.42 -1.14 14.93
CA ASN A 276 -9.35 -2.15 14.90
C ASN A 276 -8.81 -2.28 13.47
N THR A 277 -7.52 -2.60 13.33
CA THR A 277 -7.04 -3.02 12.02
CA THR A 277 -6.94 -2.91 12.02
C THR A 277 -5.96 -4.05 12.19
N GLY A 278 -5.94 -5.01 11.26
CA GLY A 278 -4.94 -6.08 11.33
C GLY A 278 -5.23 -7.16 10.30
N ILE A 279 -4.56 -8.30 10.48
CA ILE A 279 -4.83 -9.50 9.68
C ILE A 279 -6.30 -9.90 9.84
N ASN A 280 -6.98 -10.16 8.73
CA ASN A 280 -8.35 -10.63 8.83
C ASN A 280 -8.44 -11.94 9.62
N ASP A 281 -9.43 -12.02 10.49
CA ASP A 281 -9.68 -13.26 11.21
C ASP A 281 -10.33 -14.42 10.48
N TYR A 282 -10.67 -14.22 9.23
CA TYR A 282 -11.27 -15.25 8.37
C TYR A 282 -10.30 -16.39 8.10
N ASN A 283 -10.70 -17.58 8.53
CA ASN A 283 -9.83 -18.75 8.48
C ASN A 283 -8.43 -18.42 8.97
N PHE A 284 -8.38 -17.77 10.12
CA PHE A 284 -7.11 -17.47 10.80
C PHE A 284 -7.19 -18.15 12.15
N LYS A 285 -6.32 -19.13 12.38
CA LYS A 285 -6.27 -19.80 13.66
C LYS A 285 -4.81 -20.24 13.78
N TRP A 286 -4.04 -19.46 14.54
CA TRP A 286 -2.59 -19.68 14.62
C TRP A 286 -2.27 -20.45 15.89
N LYS A 287 -1.62 -21.61 15.77
CA LYS A 287 -1.24 -22.40 16.95
C LYS A 287 0.02 -21.81 17.56
N LEU A 288 -0.12 -21.25 18.76
CA LEU A 288 1.00 -20.67 19.47
C LEU A 288 1.42 -21.61 20.58
N ASN A 289 2.49 -22.35 20.33
CA ASN A 289 2.99 -23.30 21.30
C ASN A 289 3.73 -22.61 22.45
N PRO A 290 3.91 -23.33 23.55
CA PRO A 290 4.72 -22.75 24.63
C PRO A 290 6.08 -22.26 24.13
N ASN A 291 6.48 -21.10 24.63
CA ASN A 291 7.74 -20.46 24.29
CA ASN A 291 7.74 -20.48 24.27
C ASN A 291 7.84 -19.97 22.85
N GLU A 292 6.70 -19.81 22.19
CA GLU A 292 6.69 -19.26 20.84
C GLU A 292 6.08 -17.89 20.84
N GLU A 293 6.30 -17.15 19.76
CA GLU A 293 5.75 -15.80 19.62
C GLU A 293 5.08 -15.63 18.27
N PHE A 294 4.16 -14.67 18.20
CA PHE A 294 3.51 -14.32 16.96
C PHE A 294 3.57 -12.81 16.80
N GLN A 295 4.14 -12.33 15.69
CA GLN A 295 4.26 -10.88 15.42
C GLN A 295 3.24 -10.50 14.35
N THR A 296 2.45 -9.47 14.63
CA THR A 296 1.56 -8.94 13.60
C THR A 296 2.30 -7.99 12.66
N PRO A 297 1.71 -7.76 11.48
CA PRO A 297 2.19 -6.62 10.70
C PRO A 297 1.93 -5.32 11.45
N GLU A 298 2.62 -4.28 11.04
CA GLU A 298 2.38 -2.97 11.67
C GLU A 298 1.45 -2.09 10.85
N VAL A 299 0.90 -1.09 11.53
CA VAL A 299 0.03 -0.10 10.92
CA VAL A 299 0.00 -0.09 10.95
C VAL A 299 0.66 1.27 11.09
N LEU A 300 0.67 2.01 9.99
CA LEU A 300 1.14 3.38 9.94
C LEU A 300 -0.01 4.30 10.23
N MET A 301 0.11 5.12 11.27
CA MET A 301 -0.98 6.03 11.65
C MET A 301 -0.51 7.50 11.48
N VAL A 302 -1.19 8.25 10.62
CA VAL A 302 -0.81 9.65 10.35
C VAL A 302 -1.89 10.58 10.86
N TYR A 303 -1.48 11.67 11.52
CA TYR A 303 -2.42 12.71 11.88
C TYR A 303 -2.08 13.96 11.09
N SER A 304 -3.09 14.49 10.41
CA SER A 304 -2.99 15.82 9.77
C SER A 304 -3.97 16.80 10.36
N ASP A 305 -3.50 18.01 10.65
CA ASP A 305 -4.34 19.07 11.13
C ASP A 305 -4.73 20.02 10.00
N GLN A 306 -4.35 19.70 8.76
CA GLN A 306 -4.56 20.65 7.67
C GLN A 306 -4.79 19.96 6.34
N GLY A 307 -5.74 19.02 6.34
CA GLY A 307 -6.27 18.48 5.10
C GLY A 307 -5.65 17.17 4.67
N LEU A 308 -6.21 16.63 3.60
CA LEU A 308 -5.78 15.35 3.11
C LEU A 308 -4.47 15.35 2.35
N ASN A 309 -4.12 16.43 1.65
CA ASN A 309 -2.80 16.47 1.00
C ASN A 309 -1.69 16.32 2.03
N LYS A 310 -1.79 17.04 3.16
CA LYS A 310 -0.79 16.95 4.19
C LYS A 310 -0.71 15.53 4.75
N MET A 311 -1.86 14.90 4.96
CA MET A 311 -1.87 13.50 5.38
C MET A 311 -1.13 12.61 4.38
N SER A 312 -1.50 12.72 3.11
CA SER A 312 -0.89 11.91 2.07
C SER A 312 0.60 12.13 2.00
N GLN A 313 1.03 13.39 2.12
CA GLN A 313 2.44 13.73 2.01
C GLN A 313 3.23 13.10 3.13
N ALA A 314 2.64 12.98 4.31
CA ALA A 314 3.34 12.26 5.38
C ALA A 314 3.51 10.78 5.09
N PHE A 315 2.49 10.14 4.52
CA PHE A 315 2.63 8.73 4.10
C PHE A 315 3.68 8.65 3.01
N HIS A 316 3.64 9.56 2.05
CA HIS A 316 4.56 9.46 0.90
C HIS A 316 6.00 9.48 1.39
N SER A 317 6.29 10.42 2.29
CA SER A 317 7.64 10.61 2.80
C SER A 317 8.09 9.42 3.63
N LEU A 318 7.21 8.93 4.53
CA LEU A 318 7.57 7.77 5.37
C LEU A 318 7.82 6.53 4.52
N ILE A 319 6.93 6.25 3.57
CA ILE A 319 7.05 5.06 2.73
C ILE A 319 8.34 5.15 1.89
N HIS A 320 8.56 6.29 1.25
CA HIS A 320 9.68 6.45 0.35
C HIS A 320 11.01 6.44 1.10
N GLU A 321 11.06 7.13 2.24
CA GLU A 321 12.32 7.29 2.97
C GLU A 321 12.66 6.21 3.97
N ARG A 322 11.66 5.60 4.59
CA ARG A 322 11.94 4.70 5.72
C ARG A 322 11.16 3.39 5.64
N ILE A 323 10.65 3.02 4.46
CA ILE A 323 10.08 1.68 4.25
C ILE A 323 10.74 1.04 3.05
N MET A 324 10.59 1.67 1.89
CA MET A 324 11.26 1.18 0.69
C MET A 324 12.77 1.00 0.93
N ARG A 325 13.32 -0.11 0.47
CA ARG A 325 14.75 -0.39 0.66
C ARG A 325 15.52 -0.42 -0.66
N SER A 326 14.80 -0.41 -1.78
CA SER A 326 15.50 -0.49 -3.08
C SER A 326 16.55 0.57 -3.30
N LYS A 327 17.68 0.18 -3.88
CA LYS A 327 18.69 1.11 -4.27
C LYS A 327 18.16 2.05 -5.35
N PHE A 328 17.05 1.68 -5.99
CA PHE A 328 16.49 2.53 -7.03
C PHE A 328 15.46 3.53 -6.50
N LYS A 329 15.19 3.52 -5.21
CA LYS A 329 14.07 4.33 -4.72
C LYS A 329 14.32 5.80 -4.91
N ASP A 330 15.59 6.23 -4.87
CA ASP A 330 15.94 7.63 -5.08
C ASP A 330 16.50 7.90 -6.48
N GLN A 331 16.35 6.97 -7.40
CA GLN A 331 16.83 7.12 -8.77
C GLN A 331 15.67 7.34 -9.73
N ILE A 332 15.86 8.25 -10.66
CA ILE A 332 14.87 8.47 -11.70
C ILE A 332 14.56 7.17 -12.43
N ARG A 333 13.28 6.96 -12.72
CA ARG A 333 12.80 5.69 -13.24
C ARG A 333 12.77 5.76 -14.76
N PRO A 334 13.10 4.65 -15.39
CA PRO A 334 13.29 4.68 -16.85
C PRO A 334 11.96 4.78 -17.59
N VAL A 335 12.03 5.39 -18.76
CA VAL A 335 10.90 5.44 -19.67
C VAL A 335 10.97 4.19 -20.50
N LEU A 336 10.15 3.22 -20.14
CA LEU A 336 10.20 1.92 -20.75
C LEU A 336 9.04 1.69 -21.74
N VAL A 337 9.20 0.70 -22.64
CA VAL A 337 8.10 0.17 -23.38
C VAL A 337 7.92 -1.31 -22.93
N ASN A 338 6.67 -1.70 -22.73
CA ASN A 338 6.24 -3.05 -22.36
C ASN A 338 5.39 -3.57 -23.52
N ASN A 339 5.64 -4.77 -24.00
CA ASN A 339 4.95 -5.29 -25.19
C ASN A 339 3.54 -5.87 -24.95
N TRP A 340 3.06 -5.96 -23.70
CA TRP A 340 1.82 -6.71 -23.42
C TRP A 340 0.63 -6.23 -24.27
N GLU A 341 0.16 -5.00 -24.09
CA GLU A 341 -0.99 -4.59 -24.93
C GLU A 341 -0.59 -4.51 -26.41
N ALA A 342 0.69 -4.40 -26.69
CA ALA A 342 1.13 -4.25 -28.08
C ALA A 342 0.94 -5.55 -28.86
N THR A 343 1.26 -6.69 -28.24
CA THR A 343 1.24 -7.99 -28.94
C THR A 343 0.43 -9.07 -28.25
N TYR A 344 0.11 -8.87 -26.98
CA TYR A 344 -0.34 -9.96 -26.11
C TYR A 344 0.63 -11.15 -26.30
N PHE A 345 0.13 -12.37 -26.50
CA PHE A 345 1.03 -13.53 -26.65
C PHE A 345 1.54 -13.70 -28.07
N ASP A 346 1.03 -12.91 -29.01
CA ASP A 346 1.32 -13.07 -30.44
C ASP A 346 2.61 -12.36 -30.86
N PHE A 347 3.73 -12.98 -30.52
CA PHE A 347 5.02 -12.41 -30.88
C PHE A 347 6.08 -13.52 -30.98
N ASN A 348 7.18 -13.16 -31.63
CA ASN A 348 8.40 -13.94 -31.55
C ASN A 348 9.56 -12.95 -31.47
N GLU A 349 10.79 -13.47 -31.45
CA GLU A 349 11.93 -12.60 -31.26
C GLU A 349 12.06 -11.54 -32.35
N ASP A 350 11.83 -11.91 -33.62
CA ASP A 350 11.94 -10.97 -34.71
C ASP A 350 10.97 -9.80 -34.55
N LYS A 351 9.73 -10.11 -34.13
CA LYS A 351 8.74 -9.08 -33.90
C LYS A 351 9.21 -8.14 -32.77
N LEU A 352 9.69 -8.70 -31.68
CA LEU A 352 10.10 -7.85 -30.58
C LEU A 352 11.31 -7.01 -30.96
N LYS A 353 12.25 -7.57 -31.74
CA LYS A 353 13.41 -6.79 -32.16
C LYS A 353 12.98 -5.54 -32.95
N THR A 354 11.94 -5.63 -33.78
CA THR A 354 11.44 -4.41 -34.46
C THR A 354 10.91 -3.36 -33.50
N ILE A 355 10.27 -3.79 -32.42
CA ILE A 355 9.82 -2.85 -31.40
C ILE A 355 11.00 -2.21 -30.67
N VAL A 356 12.01 -3.01 -30.35
CA VAL A 356 13.24 -2.51 -29.73
C VAL A 356 13.89 -1.45 -30.62
N ASP A 357 13.98 -1.73 -31.92
CA ASP A 357 14.57 -0.78 -32.85
C ASP A 357 13.84 0.57 -32.83
N LYS A 358 12.52 0.50 -32.82
CA LYS A 358 11.71 1.71 -32.86
C LYS A 358 11.83 2.43 -31.51
N ALA A 359 11.89 1.68 -30.43
CA ALA A 359 12.01 2.31 -29.11
C ALA A 359 13.28 3.12 -28.99
N LYS A 360 14.38 2.57 -29.51
CA LYS A 360 15.65 3.31 -29.53
C LYS A 360 15.55 4.64 -30.27
N LYS A 361 14.93 4.62 -31.44
CA LYS A 361 14.75 5.82 -32.23
C LYS A 361 13.90 6.88 -31.52
N LEU A 362 12.99 6.44 -30.67
CA LEU A 362 12.06 7.34 -29.97
C LEU A 362 12.65 7.85 -28.65
N GLY A 363 13.84 7.38 -28.29
CA GLY A 363 14.49 7.82 -27.07
C GLY A 363 14.10 7.08 -25.81
N LEU A 364 13.47 5.93 -25.96
CA LEU A 364 13.07 5.15 -24.79
C LEU A 364 14.32 4.50 -24.17
N GLU A 365 14.19 4.13 -22.90
CA GLU A 365 15.37 3.68 -22.12
C GLU A 365 15.41 2.21 -21.76
N MET A 366 14.28 1.52 -21.94
CA MET A 366 14.19 0.11 -21.52
C MET A 366 13.09 -0.57 -22.32
N PHE A 367 13.33 -1.84 -22.66
CA PHE A 367 12.33 -2.74 -23.24
C PHE A 367 12.00 -3.83 -22.24
N VAL A 368 10.75 -3.97 -21.86
CA VAL A 368 10.30 -5.02 -20.97
C VAL A 368 9.52 -6.08 -21.75
N LEU A 369 10.03 -7.30 -21.68
CA LEU A 369 9.41 -8.48 -22.27
C LEU A 369 8.40 -9.04 -21.28
N ASP A 370 7.13 -9.00 -21.67
CA ASP A 370 6.04 -9.40 -20.79
C ASP A 370 5.69 -10.87 -20.94
N ASP A 371 4.47 -11.25 -20.60
CA ASP A 371 4.09 -12.68 -20.54
C ASP A 371 4.22 -13.35 -21.93
N GLY A 372 4.55 -14.63 -21.93
CA GLY A 372 4.58 -15.39 -23.19
C GLY A 372 5.96 -15.86 -23.64
N TRP A 373 7.00 -15.62 -22.85
CA TRP A 373 8.37 -15.89 -23.30
C TRP A 373 8.93 -17.24 -22.84
N PHE A 374 8.19 -17.93 -21.97
CA PHE A 374 8.69 -19.09 -21.22
C PHE A 374 7.85 -20.33 -21.53
N GLY A 375 8.34 -21.48 -21.11
CA GLY A 375 7.60 -22.74 -21.23
C GLY A 375 7.11 -22.97 -22.66
N HIS A 376 5.80 -23.16 -22.84
CA HIS A 376 5.15 -23.19 -24.14
C HIS A 376 3.97 -22.22 -24.07
N ARG A 377 4.25 -21.02 -23.56
CA ARG A 377 3.22 -20.01 -23.20
C ARG A 377 2.70 -19.24 -24.42
N ASP A 378 1.78 -19.88 -25.14
CA ASP A 378 1.11 -19.32 -26.34
C ASP A 378 -0.15 -18.59 -25.95
N ASP A 379 -0.60 -18.81 -24.73
CA ASP A 379 -1.80 -18.17 -24.20
C ASP A 379 -1.75 -18.35 -22.68
N ASP A 380 -2.83 -17.99 -22.00
CA ASP A 380 -2.84 -18.05 -20.55
C ASP A 380 -3.44 -19.36 -20.03
N ASN A 381 -3.19 -20.46 -20.74
CA ASN A 381 -3.76 -21.76 -20.35
C ASN A 381 -2.68 -22.83 -20.05
N SER A 382 -1.42 -22.42 -20.00
CA SER A 382 -0.34 -23.37 -19.71
C SER A 382 0.88 -22.69 -19.12
N SER A 383 1.81 -23.52 -18.65
CA SER A 383 3.23 -23.19 -18.53
C SER A 383 3.68 -22.42 -17.27
N LEU A 384 2.78 -21.91 -16.45
CA LEU A 384 3.25 -21.26 -15.24
C LEU A 384 3.96 -22.28 -14.38
N GLY A 385 5.14 -21.90 -13.89
CA GLY A 385 5.99 -22.82 -13.18
C GLY A 385 7.20 -23.29 -13.98
N ASP A 386 7.19 -23.06 -15.28
CA ASP A 386 8.23 -23.53 -16.20
C ASP A 386 9.04 -22.32 -16.67
N TRP A 387 9.91 -21.83 -15.82
CA TRP A 387 10.60 -20.54 -16.03
C TRP A 387 11.88 -20.73 -16.82
N LYS A 388 11.72 -21.23 -18.03
CA LYS A 388 12.82 -21.38 -18.98
C LYS A 388 12.30 -20.94 -20.33
N VAL A 389 13.19 -20.45 -21.18
CA VAL A 389 12.78 -19.78 -22.42
C VAL A 389 12.03 -20.73 -23.36
N TYR A 390 11.03 -20.17 -24.04
CA TYR A 390 10.25 -20.83 -25.08
C TYR A 390 11.04 -20.78 -26.38
N LYS A 391 11.73 -21.88 -26.72
CA LYS A 391 12.65 -21.85 -27.85
C LYS A 391 12.00 -21.53 -29.20
N LYS A 392 10.75 -21.92 -29.40
CA LYS A 392 10.08 -21.62 -30.68
C LYS A 392 9.99 -20.11 -30.89
N LYS A 393 9.85 -19.37 -29.80
CA LYS A 393 9.81 -17.90 -29.89
C LYS A 393 11.20 -17.27 -29.90
N PHE A 394 12.14 -17.88 -29.20
CA PHE A 394 13.51 -17.38 -29.08
C PHE A 394 14.49 -18.50 -29.43
N PRO A 395 14.71 -18.73 -30.73
CA PRO A 395 15.44 -19.92 -31.22
C PRO A 395 16.91 -19.95 -30.75
N ASN A 396 17.48 -18.79 -30.44
CA ASN A 396 18.85 -18.75 -29.91
C ASN A 396 18.95 -18.47 -28.41
N GLY A 397 17.82 -18.61 -27.72
CA GLY A 397 17.78 -18.39 -26.29
C GLY A 397 17.45 -16.95 -25.89
N LEU A 398 17.25 -16.78 -24.59
CA LEU A 398 16.84 -15.49 -24.05
C LEU A 398 18.01 -14.51 -24.00
N GLY A 399 19.20 -15.02 -23.70
CA GLY A 399 20.36 -14.17 -23.60
C GLY A 399 20.67 -13.46 -24.90
N HIS A 400 20.48 -14.16 -26.03
CA HIS A 400 20.67 -13.55 -27.34
C HIS A 400 19.79 -12.30 -27.52
N PHE A 401 18.52 -12.37 -27.08
CA PHE A 401 17.62 -11.24 -27.19
C PHE A 401 18.04 -10.12 -26.23
N ALA A 402 18.32 -10.47 -24.97
CA ALA A 402 18.77 -9.44 -24.03
C ALA A 402 20.02 -8.70 -24.53
N ASP A 403 20.96 -9.45 -25.10
CA ASP A 403 22.15 -8.85 -25.67
C ASP A 403 21.77 -7.87 -26.79
N TYR A 404 20.80 -8.25 -27.62
CA TYR A 404 20.37 -7.34 -28.70
C TYR A 404 19.82 -6.02 -28.14
N VAL A 405 18.95 -6.13 -27.14
CA VAL A 405 18.39 -4.96 -26.47
C VAL A 405 19.50 -4.06 -25.95
N HIS A 406 20.48 -4.65 -25.26
CA HIS A 406 21.60 -3.86 -24.71
C HIS A 406 22.43 -3.23 -25.81
N GLU A 407 22.63 -3.95 -26.91
CA GLU A 407 23.42 -3.43 -28.01
C GLU A 407 22.74 -2.20 -28.64
N GLN A 408 21.41 -2.12 -28.56
CA GLN A 408 20.68 -0.94 -29.06
C GLN A 408 20.61 0.21 -28.05
N GLY A 409 21.29 0.05 -26.92
CA GLY A 409 21.36 1.10 -25.92
C GLY A 409 20.21 1.15 -24.92
N LEU A 410 19.46 0.08 -24.78
CA LEU A 410 18.32 0.05 -23.85
C LEU A 410 18.60 -0.96 -22.74
N LYS A 411 18.04 -0.70 -21.58
CA LYS A 411 17.92 -1.72 -20.55
C LYS A 411 16.86 -2.76 -20.90
N PHE A 412 16.94 -3.91 -20.23
CA PHE A 412 16.06 -5.04 -20.49
C PHE A 412 15.34 -5.48 -19.24
N GLY A 413 14.02 -5.62 -19.35
CA GLY A 413 13.18 -6.10 -18.25
C GLY A 413 12.44 -7.37 -18.64
N LEU A 414 12.03 -8.14 -17.65
CA LEU A 414 11.42 -9.46 -17.85
C LEU A 414 10.31 -9.72 -16.84
N TRP A 415 9.16 -10.19 -17.35
CA TRP A 415 8.02 -10.59 -16.51
C TRP A 415 8.16 -12.01 -15.96
N PHE A 416 7.76 -12.18 -14.70
CA PHE A 416 7.66 -13.49 -14.07
C PHE A 416 6.38 -13.51 -13.26
N GLU A 417 5.86 -14.71 -13.01
CA GLU A 417 4.69 -14.89 -12.10
C GLU A 417 5.03 -16.06 -11.15
N PRO A 418 5.96 -15.83 -10.21
CA PRO A 418 6.60 -16.95 -9.50
C PRO A 418 5.72 -17.76 -8.57
N GLU A 419 4.58 -17.21 -8.14
CA GLU A 419 3.73 -17.88 -7.16
C GLU A 419 2.77 -18.92 -7.74
N MET A 420 2.78 -19.11 -9.06
CA MET A 420 1.67 -19.78 -9.72
C MET A 420 2.06 -21.01 -10.51
N ILE A 421 1.08 -21.86 -10.77
CA ILE A 421 1.34 -23.12 -11.47
C ILE A 421 0.15 -23.45 -12.39
N SER A 422 0.47 -23.96 -13.57
CA SER A 422 -0.55 -24.48 -14.50
C SER A 422 -0.59 -26.01 -14.43
N TYR A 423 -1.76 -26.61 -14.60
CA TYR A 423 -1.81 -28.09 -14.73
C TYR A 423 -0.93 -28.54 -15.88
N GLU A 424 -1.00 -27.83 -16.99
CA GLU A 424 -0.15 -28.13 -18.15
C GLU A 424 1.19 -27.40 -17.99
N SER A 425 2.04 -27.98 -17.14
CA SER A 425 3.37 -27.51 -16.95
C SER A 425 4.23 -28.71 -16.57
N ASN A 426 5.51 -28.62 -16.91
CA ASN A 426 6.46 -29.59 -16.42
C ASN A 426 6.52 -29.56 -14.91
N LEU A 427 6.38 -28.39 -14.30
CA LEU A 427 6.45 -28.32 -12.85
C LEU A 427 5.37 -29.18 -12.22
N TYR A 428 4.15 -29.08 -12.75
CA TYR A 428 3.04 -29.89 -12.19
C TYR A 428 3.29 -31.37 -12.44
N LYS A 429 3.83 -31.72 -13.61
CA LYS A 429 4.08 -33.13 -13.90
C LYS A 429 5.11 -33.71 -12.95
N GLU A 430 6.10 -32.90 -12.55
CA GLU A 430 7.16 -33.37 -11.69
C GLU A 430 6.80 -33.29 -10.22
N HIS A 431 5.98 -32.33 -9.87
CA HIS A 431 5.70 -32.00 -8.47
C HIS A 431 4.23 -31.59 -8.30
N PRO A 432 3.32 -32.53 -8.52
CA PRO A 432 1.90 -32.18 -8.51
C PRO A 432 1.44 -31.72 -7.12
N ASP A 433 2.13 -32.17 -6.07
CA ASP A 433 1.77 -31.80 -4.71
C ASP A 433 2.12 -30.35 -4.41
N TYR A 434 2.80 -29.67 -5.31
CA TYR A 434 3.14 -28.26 -5.09
C TYR A 434 1.93 -27.32 -5.31
N LEU A 435 0.90 -27.82 -5.98
CA LEU A 435 -0.32 -27.05 -6.25
C LEU A 435 -1.22 -27.04 -5.02
N SME A 436 -1.58 -25.87 -4.51
CA SME A 436 -2.43 -25.55 -3.39
CB SME A 436 -2.41 -24.14 -2.92
CG SME A 436 -3.21 -23.93 -1.68
S SME A 436 -3.45 -22.21 -1.22
OE SME A 436 -4.15 -21.44 -2.54
CE SME A 436 -1.75 -21.57 -1.13
C SME A 436 -3.84 -26.05 -3.62
O SME A 436 -4.57 -25.52 -4.47
H2 SME A 436 -0.71 -25.75 -4.26
H SME A 436 -1.97 -26.51 -3.99
HA SME A 436 -2.06 -26.14 -2.56
HB2 SME A 436 -1.49 -23.89 -2.72
HB3 SME A 436 -2.75 -23.56 -3.63
HG2 SME A 436 -4.08 -24.34 -1.83
HG3 SME A 436 -2.79 -24.42 -0.95
HE1 SME A 436 -1.30 -21.69 -1.99
HE2 SME A 436 -1.77 -20.62 -0.92
HE3 SME A 436 -1.26 -22.05 -0.43
N HIS A 437 -4.25 -27.05 -2.86
CA HIS A 437 -5.64 -27.52 -2.91
C HIS A 437 -5.96 -28.28 -1.61
N VAL A 438 -7.24 -28.53 -1.38
CA VAL A 438 -7.67 -29.36 -0.24
C VAL A 438 -7.67 -30.82 -0.75
N PRO A 439 -6.82 -31.69 -0.17
CA PRO A 439 -6.74 -33.05 -0.69
C PRO A 439 -8.11 -33.73 -0.78
N GLY A 440 -8.39 -34.34 -1.92
CA GLY A 440 -9.69 -34.96 -2.14
C GLY A 440 -10.70 -34.08 -2.84
N ARG A 441 -10.39 -32.79 -3.01
CA ARG A 441 -11.31 -31.87 -3.63
C ARG A 441 -10.65 -31.21 -4.84
N LYS A 442 -11.33 -31.21 -6.00
CA LYS A 442 -10.75 -30.52 -7.16
C LYS A 442 -10.78 -29.04 -6.86
N PRO A 443 -9.64 -28.38 -7.05
CA PRO A 443 -9.60 -26.93 -6.75
C PRO A 443 -10.30 -26.12 -7.84
N CYS A 444 -10.67 -24.88 -7.50
CA CYS A 444 -11.28 -24.00 -8.49
C CYS A 444 -10.19 -23.25 -9.28
N PRO A 445 -10.34 -23.17 -10.60
CA PRO A 445 -9.37 -22.43 -11.42
C PRO A 445 -9.72 -20.95 -11.47
N SER A 446 -8.75 -20.11 -11.81
CA SER A 446 -8.98 -18.70 -12.04
C SER A 446 -7.88 -18.32 -13.03
N ARG A 447 -8.27 -17.72 -14.15
CA ARG A 447 -7.39 -17.58 -15.32
C ARG A 447 -6.76 -18.94 -15.67
N ASN A 448 -7.53 -20.01 -15.45
CA ASN A 448 -7.11 -21.37 -15.73
C ASN A 448 -5.76 -21.74 -15.13
N GLN A 449 -5.50 -21.22 -13.95
CA GLN A 449 -4.24 -21.50 -13.23
C GLN A 449 -4.55 -21.69 -11.75
N TYR A 450 -3.53 -22.11 -11.02
CA TYR A 450 -3.61 -22.46 -9.60
C TYR A 450 -2.41 -21.83 -8.87
N VAL A 451 -2.48 -21.85 -7.54
CA VAL A 451 -1.49 -21.22 -6.67
C VAL A 451 -0.53 -22.27 -6.10
N LEU A 452 0.75 -21.95 -5.99
CA LEU A 452 1.73 -22.81 -5.32
C LEU A 452 1.61 -22.78 -3.80
N GLU A 453 2.04 -23.87 -3.16
CA GLU A 453 2.12 -23.93 -1.69
C GLU A 453 3.38 -23.22 -1.21
N LEU A 454 3.39 -21.88 -1.29
CA LEU A 454 4.58 -21.13 -0.95
C LEU A 454 4.91 -21.16 0.53
N GLY A 455 4.00 -21.68 1.36
CA GLY A 455 4.35 -21.88 2.76
C GLY A 455 5.37 -22.97 3.00
N ARG A 456 5.62 -23.80 1.98
CA ARG A 456 6.60 -24.86 2.05
C ARG A 456 7.94 -24.40 1.46
N LYS A 457 8.99 -24.55 2.24
CA LYS A 457 10.33 -24.13 1.80
C LYS A 457 10.75 -24.82 0.51
N GLU A 458 10.44 -26.11 0.36
CA GLU A 458 10.91 -26.82 -0.84
C GLU A 458 10.29 -26.25 -2.13
N VAL A 459 9.05 -25.77 -2.04
CA VAL A 459 8.37 -25.15 -3.18
C VAL A 459 9.05 -23.82 -3.51
N ARG A 460 9.31 -23.00 -2.48
CA ARG A 460 10.00 -21.73 -2.72
C ARG A 460 11.40 -21.96 -3.27
N ASP A 461 12.12 -22.96 -2.75
CA ASP A 461 13.46 -23.25 -3.22
C ASP A 461 13.47 -23.58 -4.71
N ASN A 462 12.48 -24.35 -5.17
CA ASN A 462 12.39 -24.72 -6.59
C ASN A 462 12.31 -23.45 -7.47
N ILE A 463 11.38 -22.56 -7.13
CA ILE A 463 11.14 -21.36 -7.92
C ILE A 463 12.38 -20.44 -7.84
N PHE A 464 12.93 -20.30 -6.65
CA PHE A 464 14.15 -19.51 -6.46
C PHE A 464 15.26 -20.00 -7.37
N GLU A 465 15.50 -21.31 -7.40
CA GLU A 465 16.59 -21.83 -8.23
C GLU A 465 16.34 -21.60 -9.73
N GLN A 466 15.09 -21.75 -10.17
CA GLN A 466 14.76 -21.47 -11.56
C GLN A 466 15.08 -20.02 -11.91
N MET A 467 14.68 -19.10 -11.04
CA MET A 467 14.85 -17.67 -11.32
C MET A 467 16.34 -17.30 -11.31
N VAL A 468 17.08 -17.78 -10.31
CA VAL A 468 18.52 -17.46 -10.23
C VAL A 468 19.24 -17.91 -11.48
N LYS A 469 18.83 -19.03 -12.08
CA LYS A 469 19.47 -19.51 -13.30
C LYS A 469 19.38 -18.51 -14.45
N ILE A 470 18.28 -17.76 -14.51
CA ILE A 470 18.16 -16.67 -15.46
C ILE A 470 18.86 -15.40 -14.97
N LEU A 471 18.64 -15.05 -13.71
CA LEU A 471 19.01 -13.71 -13.25
C LEU A 471 20.51 -13.52 -12.96
N ASP A 472 21.20 -14.61 -12.66
CA ASP A 472 22.64 -14.51 -12.32
C ASP A 472 23.48 -13.95 -13.47
N SER A 473 22.98 -14.03 -14.71
CA SER A 473 23.69 -13.52 -15.88
C SER A 473 23.83 -11.98 -15.86
N LYS A 474 22.99 -11.32 -15.06
CA LYS A 474 22.89 -9.87 -15.03
C LYS A 474 22.51 -9.25 -16.40
N LYS A 475 21.82 -10.04 -17.23
CA LYS A 475 21.30 -9.53 -18.51
C LYS A 475 19.91 -8.94 -18.31
N ILE A 476 19.31 -9.17 -17.16
CA ILE A 476 17.96 -8.66 -16.86
C ILE A 476 18.11 -7.53 -15.82
N ASP A 477 17.77 -6.30 -16.21
CA ASP A 477 17.93 -5.10 -15.39
C ASP A 477 16.73 -4.77 -14.53
N TYR A 478 15.63 -5.45 -14.81
CA TYR A 478 14.32 -5.11 -14.25
C TYR A 478 13.44 -6.31 -14.30
N ILE A 479 12.63 -6.50 -13.25
CA ILE A 479 11.70 -7.63 -13.18
C ILE A 479 10.32 -7.05 -12.91
N LYS A 480 9.33 -7.49 -13.69
CA LYS A 480 7.92 -7.26 -13.37
C LYS A 480 7.40 -8.53 -12.74
N TRP A 481 7.10 -8.49 -11.45
CA TRP A 481 6.67 -9.66 -10.68
C TRP A 481 5.17 -9.61 -10.51
N ASP A 482 4.46 -10.42 -11.30
CA ASP A 482 3.00 -10.45 -11.40
C ASP A 482 2.42 -11.62 -10.60
N MET A 483 1.08 -11.65 -10.50
CA MET A 483 0.34 -12.54 -9.61
C MET A 483 -1.15 -12.38 -10.00
N ASN A 484 -1.66 -13.35 -10.75
CA ASN A 484 -2.92 -13.15 -11.46
C ASN A 484 -4.16 -13.92 -11.01
N ARG A 485 -4.21 -14.31 -9.73
CA ARG A 485 -5.45 -14.85 -9.19
C ARG A 485 -5.46 -14.80 -7.68
N SER A 486 -6.66 -14.82 -7.10
CA SER A 486 -6.82 -14.90 -5.65
C SER A 486 -6.71 -16.36 -5.19
N LEU A 487 -6.49 -16.53 -3.88
CA LEU A 487 -6.42 -17.88 -3.30
C LEU A 487 -7.82 -18.36 -2.98
N SER A 488 -8.18 -19.58 -3.39
CA SER A 488 -9.52 -20.08 -3.12
C SER A 488 -9.61 -21.41 -2.36
N ASP A 489 -8.56 -22.23 -2.42
CA ASP A 489 -8.63 -23.56 -1.84
C ASP A 489 -7.52 -23.59 -0.81
N ILE A 490 -7.89 -23.33 0.44
CA ILE A 490 -6.97 -22.87 1.45
C ILE A 490 -6.46 -24.05 2.31
N TYR A 491 -5.21 -24.41 2.10
CA TYR A 491 -4.64 -25.59 2.73
C TYR A 491 -3.15 -25.53 2.58
N GLU A 492 -2.44 -26.21 3.48
CA GLU A 492 -1.00 -26.38 3.32
C GLU A 492 -0.68 -27.81 3.69
N SER A 493 -0.24 -28.60 2.70
CA SER A 493 -0.24 -30.05 2.80
C SER A 493 0.72 -30.65 3.83
N ASP A 494 1.75 -29.89 4.25
CA ASP A 494 2.69 -30.36 5.27
C ASP A 494 2.31 -30.02 6.71
N LEU A 495 1.13 -29.44 6.92
CA LEU A 495 0.73 -29.02 8.27
C LEU A 495 -0.32 -29.98 8.81
N PRO A 496 -0.29 -30.26 10.10
CA PRO A 496 -1.37 -31.01 10.74
C PRO A 496 -2.72 -30.28 10.57
N ALA A 497 -3.80 -31.04 10.73
CA ALA A 497 -5.14 -30.51 10.59
C ALA A 497 -5.35 -29.29 11.48
N ASP A 498 -4.80 -29.31 12.69
CA ASP A 498 -5.07 -28.20 13.64
C ASP A 498 -4.29 -26.94 13.34
N GLN A 499 -3.47 -26.96 12.30
CA GLN A 499 -2.72 -25.79 11.89
C GLN A 499 -3.18 -25.25 10.52
N GLN A 500 -4.27 -25.78 9.97
CA GLN A 500 -4.72 -25.32 8.63
C GLN A 500 -5.26 -23.89 8.63
N GLY A 501 -5.53 -23.34 9.82
CA GLY A 501 -5.86 -21.93 9.98
C GLY A 501 -4.64 -21.01 9.87
N GLU A 502 -3.47 -21.59 9.61
CA GLU A 502 -2.24 -20.86 9.38
C GLU A 502 -1.93 -20.72 7.90
N ALA A 503 -2.68 -21.40 7.04
CA ALA A 503 -2.33 -21.44 5.62
C ALA A 503 -2.28 -20.07 4.94
N TYR A 504 -3.28 -19.22 5.14
CA TYR A 504 -3.27 -17.92 4.49
C TYR A 504 -2.03 -17.10 4.92
N HIS A 505 -1.74 -17.03 6.22
CA HIS A 505 -0.66 -16.19 6.67
C HIS A 505 0.70 -16.81 6.33
N ARG A 506 0.82 -18.12 6.40
CA ARG A 506 2.07 -18.77 5.97
C ARG A 506 2.33 -18.56 4.48
N TYR A 507 1.27 -18.47 3.67
CA TYR A 507 1.45 -18.16 2.26
C TYR A 507 2.10 -16.79 2.09
N VAL A 508 1.55 -15.79 2.79
CA VAL A 508 2.14 -14.46 2.72
C VAL A 508 3.57 -14.43 3.27
N LEU A 509 3.82 -15.11 4.38
CA LEU A 509 5.18 -15.17 4.92
C LEU A 509 6.12 -15.79 3.91
N GLY A 510 5.65 -16.81 3.20
CA GLY A 510 6.47 -17.50 2.22
C GLY A 510 6.76 -16.61 1.03
N TYR A 511 5.72 -15.91 0.57
CA TYR A 511 5.86 -14.92 -0.47
C TYR A 511 6.92 -13.90 -0.07
N TYR A 512 6.79 -13.33 1.12
CA TYR A 512 7.76 -12.35 1.56
C TYR A 512 9.19 -12.94 1.67
N ASP A 513 9.31 -14.19 2.15
CA ASP A 513 10.64 -14.81 2.24
C ASP A 513 11.29 -14.97 0.86
N LEU A 514 10.54 -15.48 -0.11
CA LEU A 514 11.07 -15.65 -1.47
C LEU A 514 11.40 -14.32 -2.13
N LEU A 515 10.46 -13.37 -2.06
CA LEU A 515 10.67 -12.06 -2.62
C LEU A 515 11.87 -11.38 -1.93
N ASN A 516 11.95 -11.48 -0.60
CA ASN A 516 13.04 -10.83 0.11
C ASN A 516 14.38 -11.43 -0.34
N LYS A 517 14.41 -12.75 -0.49
CA LYS A 517 15.66 -13.38 -0.88
C LYS A 517 16.09 -12.88 -2.25
N LEU A 518 15.15 -12.70 -3.18
CA LEU A 518 15.50 -12.24 -4.51
C LEU A 518 15.85 -10.76 -4.58
N VAL A 519 15.11 -9.89 -3.90
CA VAL A 519 15.46 -8.47 -3.95
C VAL A 519 16.79 -8.18 -3.23
N THR A 520 17.12 -8.98 -2.22
CA THR A 520 18.40 -8.86 -1.48
CA THR A 520 18.40 -8.80 -1.51
C THR A 520 19.58 -9.45 -2.28
N ARG A 521 19.33 -10.54 -2.99
CA ARG A 521 20.38 -11.11 -3.88
C ARG A 521 20.68 -10.18 -5.06
N TYR A 522 19.63 -9.50 -5.53
CA TYR A 522 19.70 -8.62 -6.73
C TYR A 522 19.38 -7.17 -6.47
N PRO A 523 20.21 -6.49 -5.65
CA PRO A 523 19.98 -5.06 -5.36
C PRO A 523 20.18 -4.18 -6.60
N ASP A 524 20.80 -4.78 -7.62
CA ASP A 524 21.08 -4.13 -8.87
C ASP A 524 19.95 -4.25 -9.90
N ILE A 525 18.84 -4.86 -9.52
CA ILE A 525 17.70 -5.02 -10.40
C ILE A 525 16.53 -4.19 -9.85
N LEU A 526 15.85 -3.48 -10.74
CA LEU A 526 14.66 -2.68 -10.41
C LEU A 526 13.46 -3.66 -10.47
N PHE A 527 12.79 -3.87 -9.34
CA PHE A 527 11.62 -4.74 -9.28
C PHE A 527 10.35 -3.87 -9.32
N GLU A 528 9.46 -4.18 -10.24
CA GLU A 528 8.12 -3.60 -10.30
C GLU A 528 7.10 -4.65 -9.90
N GLY A 529 6.34 -4.38 -8.86
CA GLY A 529 5.29 -5.30 -8.44
C GLY A 529 4.10 -5.21 -9.39
N CYS A 530 3.33 -6.29 -9.45
CA CYS A 530 2.10 -6.33 -10.24
C CYS A 530 1.21 -7.46 -9.71
N SER A 531 -0.09 -7.28 -9.81
CA SER A 531 -1.03 -8.36 -9.53
C SER A 531 -2.27 -8.06 -10.35
N GLY A 532 -2.25 -8.47 -11.61
CA GLY A 532 -3.31 -8.06 -12.53
C GLY A 532 -3.55 -6.57 -12.37
N GLY A 533 -2.50 -5.79 -12.47
CA GLY A 533 -2.56 -4.38 -12.10
C GLY A 533 -2.29 -4.19 -10.61
N GLY A 534 -3.14 -3.41 -9.94
CA GLY A 534 -2.91 -3.00 -8.56
C GLY A 534 -3.60 -3.86 -7.54
N GLY A 535 -3.54 -5.17 -7.70
CA GLY A 535 -4.21 -6.05 -6.78
C GLY A 535 -3.39 -6.38 -5.52
N ARG A 536 -2.18 -5.88 -5.41
CA ARG A 536 -1.36 -6.05 -4.21
C ARG A 536 -0.54 -4.78 -4.03
N PHE A 537 -1.26 -3.66 -3.87
CA PHE A 537 -0.67 -2.32 -3.91
C PHE A 537 -0.75 -1.78 -2.50
N ASP A 538 0.27 -2.10 -1.71
CA ASP A 538 0.21 -1.80 -0.28
C ASP A 538 1.59 -1.47 0.29
N VAL A 539 1.62 -0.96 1.54
CA VAL A 539 2.85 -0.53 2.15
C VAL A 539 3.81 -1.70 2.41
N GLY A 540 3.28 -2.89 2.68
CA GLY A 540 4.14 -4.05 2.80
C GLY A 540 4.89 -4.35 1.52
N GLN A 541 4.19 -4.24 0.40
CA GLN A 541 4.80 -4.47 -0.90
C GLN A 541 5.91 -3.46 -1.22
N ALA A 542 5.72 -2.20 -0.80
CA ALA A 542 6.71 -1.13 -1.03
C ALA A 542 8.10 -1.48 -0.47
N TYR A 543 8.12 -2.23 0.62
CA TYR A 543 9.37 -2.62 1.25
C TYR A 543 10.24 -3.43 0.29
N TYR A 544 9.58 -4.10 -0.66
CA TYR A 544 10.30 -4.95 -1.64
C TYR A 544 10.42 -4.38 -3.04
N THR A 545 9.36 -3.73 -3.52
CA THR A 545 9.31 -3.21 -4.87
C THR A 545 8.98 -1.71 -4.85
N PRO A 546 9.86 -0.86 -5.40
CA PRO A 546 9.63 0.59 -5.22
C PRO A 546 8.64 1.18 -6.24
N GLN A 547 8.18 0.37 -7.18
CA GLN A 547 7.10 0.81 -8.09
C GLN A 547 6.24 -0.41 -8.39
N ILE A 548 4.98 -0.14 -8.77
CA ILE A 548 3.97 -1.19 -8.91
C ILE A 548 3.02 -0.71 -10.03
N TRP A 549 2.67 -1.64 -10.91
CA TRP A 549 1.70 -1.37 -12.01
C TRP A 549 0.34 -1.06 -11.41
N ALA A 550 -0.16 0.16 -11.60
CA ALA A 550 -1.31 0.61 -10.81
C ALA A 550 -2.62 -0.08 -11.16
N SER A 551 -2.78 -0.42 -12.44
CA SER A 551 -4.02 -0.99 -12.97
C SER A 551 -3.82 -1.50 -14.37
N ASP A 552 -4.53 -2.56 -14.71
CA ASP A 552 -4.63 -3.00 -16.10
C ASP A 552 -5.48 -2.05 -16.94
N ASN A 553 -6.27 -1.19 -16.30
CA ASN A 553 -6.96 -0.12 -17.02
C ASN A 553 -5.98 0.96 -17.39
N THR A 554 -5.66 1.09 -18.68
CA THR A 554 -4.74 2.12 -19.13
C THR A 554 -5.47 3.25 -19.88
N ASP A 555 -6.77 3.38 -19.66
CA ASP A 555 -7.51 4.52 -20.22
C ASP A 555 -7.12 5.77 -19.43
N ALA A 556 -6.74 6.83 -20.12
CA ALA A 556 -6.33 8.06 -19.45
C ALA A 556 -7.41 8.53 -18.47
N ILE A 557 -8.67 8.43 -18.88
CA ILE A 557 -9.72 9.04 -18.09
C ILE A 557 -10.04 8.21 -16.83
N GLU A 558 -10.25 6.90 -16.94
CA GLU A 558 -10.44 6.11 -15.72
C GLU A 558 -9.18 6.07 -14.84
N ARG A 559 -8.01 6.21 -15.44
CA ARG A 559 -6.77 6.34 -14.66
C ARG A 559 -6.76 7.61 -13.81
N LEU A 560 -7.54 8.65 -14.15
CA LEU A 560 -7.59 9.81 -13.24
C LEU A 560 -8.11 9.39 -11.87
N LYS A 561 -9.19 8.61 -11.85
CA LYS A 561 -9.84 8.12 -10.63
C LYS A 561 -8.89 7.19 -9.89
N ILE A 562 -8.28 6.27 -10.61
CA ILE A 562 -7.41 5.24 -10.01
C ILE A 562 -6.14 5.87 -9.44
N GLN A 563 -5.52 6.77 -10.20
CA GLN A 563 -4.29 7.41 -9.74
C GLN A 563 -4.54 8.38 -8.61
N TYR A 564 -5.67 9.09 -8.65
CA TYR A 564 -6.02 10.01 -7.55
C TYR A 564 -6.19 9.22 -6.24
N GLY A 565 -6.96 8.14 -6.27
CA GLY A 565 -7.15 7.34 -5.06
C GLY A 565 -5.85 6.72 -4.59
N THR A 566 -5.09 6.15 -5.52
CA THR A 566 -3.81 5.53 -5.16
C THR A 566 -2.94 6.53 -4.39
N SER A 567 -2.92 7.78 -4.86
CA SER A 567 -2.06 8.80 -4.26
C SER A 567 -2.48 9.24 -2.87
N LEU A 568 -3.66 8.84 -2.42
CA LEU A 568 -4.10 9.20 -1.09
CA LEU A 568 -4.10 9.20 -1.08
C LEU A 568 -3.12 8.63 -0.04
N VAL A 569 -2.55 7.47 -0.35
CA VAL A 569 -1.57 6.80 0.52
C VAL A 569 -0.16 6.72 -0.07
N TYR A 570 -0.06 6.56 -1.38
CA TYR A 570 1.15 6.00 -1.95
C TYR A 570 1.85 7.06 -2.78
N PRO A 571 3.17 7.16 -2.64
CA PRO A 571 3.86 8.21 -3.41
C PRO A 571 3.79 7.96 -4.89
N GLN A 572 3.80 9.03 -5.68
CA GLN A 572 3.59 8.85 -7.11
C GLN A 572 4.69 8.05 -7.78
N SER A 573 5.90 8.04 -7.23
CA SER A 573 6.97 7.21 -7.82
C SER A 573 6.73 5.72 -7.61
N MET A 574 5.80 5.39 -6.73
CA MET A 574 5.45 3.98 -6.48
C MET A 574 4.43 3.44 -7.49
N MET A 575 3.79 4.32 -8.27
CA MET A 575 2.79 3.85 -9.25
C MET A 575 3.29 4.08 -10.65
N THR A 576 3.13 3.08 -11.51
CA THR A 576 3.49 3.25 -12.89
C THR A 576 2.26 3.39 -13.80
N SER A 577 2.53 4.01 -14.94
CA SER A 577 1.46 4.49 -15.82
C SER A 577 1.98 4.50 -17.24
N HIS A 578 1.25 3.83 -18.13
CA HIS A 578 1.70 3.68 -19.51
C HIS A 578 0.72 4.29 -20.50
N VAL A 579 1.27 4.98 -21.49
CA VAL A 579 0.51 5.39 -22.67
C VAL A 579 0.18 4.17 -23.52
N SER A 580 -1.11 3.99 -23.80
CA SER A 580 -1.61 2.86 -24.55
C SER A 580 -2.46 3.32 -25.73
N VAL A 581 -2.89 2.37 -26.55
CA VAL A 581 -3.67 2.69 -27.73
C VAL A 581 -5.04 3.27 -27.39
N SER A 582 -5.52 4.06 -28.34
CA SER A 582 -6.91 4.55 -28.40
C SER A 582 -7.51 4.02 -29.72
N PRO A 583 -8.73 3.49 -29.68
CA PRO A 583 -9.62 3.31 -28.53
C PRO A 583 -8.99 2.39 -27.48
N ASN A 584 -9.28 2.69 -26.23
CA ASN A 584 -8.70 1.94 -25.12
C ASN A 584 -9.15 0.48 -25.16
N GLU A 585 -8.22 -0.41 -24.86
CA GLU A 585 -8.47 -1.86 -24.93
C GLU A 585 -9.42 -2.39 -23.88
N GLN A 586 -9.55 -1.70 -22.74
CA GLN A 586 -10.43 -2.17 -21.67
C GLN A 586 -11.85 -1.57 -21.66
N ASN A 587 -12.00 -0.32 -22.08
CA ASN A 587 -13.35 0.31 -22.06
C ASN A 587 -13.77 0.96 -23.37
N GLY A 588 -12.90 0.95 -24.39
CA GLY A 588 -13.29 1.47 -25.70
C GLY A 588 -13.27 3.01 -25.85
N ARG A 589 -12.83 3.71 -24.82
CA ARG A 589 -12.80 5.19 -24.86
C ARG A 589 -11.77 5.70 -25.85
N ILE A 590 -12.13 6.77 -26.55
CA ILE A 590 -11.24 7.47 -27.49
C ILE A 590 -10.70 8.70 -26.82
N THR A 591 -9.37 8.79 -26.69
CA THR A 591 -8.74 9.95 -26.05
C THR A 591 -7.60 10.52 -26.89
N PRO A 592 -7.37 11.84 -26.78
CA PRO A 592 -6.19 12.44 -27.40
C PRO A 592 -4.89 11.85 -26.91
N PHE A 593 -3.93 11.68 -27.81
CA PHE A 593 -2.62 11.18 -27.43
C PHE A 593 -1.96 12.02 -26.32
N ASN A 594 -2.10 13.34 -26.40
CA ASN A 594 -1.54 14.24 -25.39
C ASN A 594 -2.12 14.03 -24.01
N THR A 595 -3.41 13.64 -23.94
CA THR A 595 -4.06 13.35 -22.66
C THR A 595 -3.56 12.02 -22.09
N ARG A 596 -3.43 10.99 -22.92
CA ARG A 596 -2.79 9.79 -22.43
C ARG A 596 -1.39 10.07 -21.86
N GLY A 597 -0.58 10.88 -22.57
CA GLY A 597 0.72 11.22 -22.05
C GLY A 597 0.66 11.97 -20.74
N ALA A 598 -0.21 12.97 -20.65
CA ALA A 598 -0.25 13.81 -19.46
C ALA A 598 -0.63 12.97 -18.25
N VAL A 599 -1.63 12.11 -18.39
CA VAL A 599 -2.06 11.31 -17.24
C VAL A 599 -0.97 10.28 -16.89
N ALA A 600 -0.26 9.76 -17.89
CA ALA A 600 0.77 8.74 -17.64
C ALA A 600 2.10 9.33 -17.12
N MET A 601 2.21 10.68 -17.05
CA MET A 601 3.35 11.33 -16.41
C MET A 601 3.13 11.61 -14.94
N TRP A 602 1.96 11.24 -14.40
CA TRP A 602 1.73 11.36 -12.96
C TRP A 602 2.44 10.23 -12.26
N GLY A 603 2.17 9.00 -12.72
CA GLY A 603 3.00 7.86 -12.37
C GLY A 603 4.31 7.87 -13.15
N ASP A 604 5.13 6.85 -12.97
CA ASP A 604 6.37 6.73 -13.74
C ASP A 604 5.99 6.31 -15.17
N LEU A 605 6.28 7.20 -16.13
CA LEU A 605 5.87 7.04 -17.52
C LEU A 605 6.47 5.83 -18.18
N GLY A 606 5.66 5.13 -18.96
CA GLY A 606 6.11 4.16 -19.94
C GLY A 606 5.11 4.11 -21.10
N TYR A 607 5.39 3.25 -22.08
CA TYR A 607 4.58 3.10 -23.29
C TYR A 607 4.21 1.62 -23.42
N GLU A 608 3.00 1.33 -23.85
CA GLU A 608 2.59 -0.04 -23.97
C GLU A 608 1.62 -0.12 -25.15
N LEU A 609 2.22 -0.10 -26.32
CA LEU A 609 1.51 -0.18 -27.59
C LEU A 609 2.52 -0.51 -28.68
N ASP A 610 2.06 -0.97 -29.83
CA ASP A 610 2.97 -1.45 -30.85
C ASP A 610 3.56 -0.26 -31.57
N LEU A 611 4.76 0.12 -31.14
CA LEU A 611 5.40 1.33 -31.65
C LEU A 611 5.60 1.24 -33.14
N THR A 612 5.72 0.02 -33.68
CA THR A 612 6.04 -0.14 -35.10
C THR A 612 4.86 0.15 -35.98
N LYS A 613 3.68 0.21 -35.40
CA LYS A 613 2.48 0.52 -36.17
C LYS A 613 2.14 2.01 -36.17
N MET A 614 2.95 2.83 -35.50
CA MET A 614 2.68 4.27 -35.46
C MET A 614 3.11 4.94 -36.76
N SER A 615 2.32 5.92 -37.18
CA SER A 615 2.69 6.79 -38.31
C SER A 615 3.87 7.63 -37.88
N ASP A 616 4.56 8.23 -38.84
CA ASP A 616 5.63 9.17 -38.52
C ASP A 616 5.11 10.32 -37.66
N GLU A 617 3.91 10.80 -37.93
CA GLU A 617 3.36 11.89 -37.13
C GLU A 617 3.16 11.49 -35.67
N GLU A 618 2.73 10.26 -35.42
CA GLU A 618 2.52 9.83 -34.03
C GLU A 618 3.87 9.55 -33.36
N SER A 619 4.80 8.99 -34.13
CA SER A 619 6.12 8.65 -33.58
C SER A 619 6.83 9.91 -33.15
N ASP A 620 6.77 10.94 -33.95
CA ASP A 620 7.37 12.22 -33.53
C ASP A 620 6.70 12.79 -32.29
N GLN A 621 5.43 12.47 -32.05
CA GLN A 621 4.77 12.89 -30.81
C GLN A 621 5.30 12.13 -29.58
N VAL A 622 5.64 10.86 -29.76
CA VAL A 622 6.31 10.15 -28.70
C VAL A 622 7.66 10.78 -28.39
N VAL A 623 8.44 11.09 -29.43
CA VAL A 623 9.72 11.74 -29.22
C VAL A 623 9.55 12.99 -28.37
N LYS A 624 8.59 13.80 -28.74
CA LYS A 624 8.33 15.03 -28.02
C LYS A 624 7.90 14.79 -26.57
N GLN A 625 6.97 13.84 -26.32
CA GLN A 625 6.58 13.50 -24.94
C GLN A 625 7.73 13.07 -24.10
N VAL A 626 8.55 12.18 -24.65
CA VAL A 626 9.70 11.64 -23.94
C VAL A 626 10.72 12.71 -23.64
N THR A 627 10.98 13.55 -24.61
CA THR A 627 11.94 14.64 -24.43
C THR A 627 11.47 15.55 -23.29
N GLU A 628 10.18 15.89 -23.30
CA GLU A 628 9.65 16.76 -22.24
C GLU A 628 9.64 16.08 -20.87
N TYR A 629 9.26 14.81 -20.83
CA TYR A 629 9.30 14.08 -19.56
C TYR A 629 10.68 14.01 -18.95
N LYS A 630 11.73 13.84 -19.76
CA LYS A 630 13.07 13.77 -19.22
C LYS A 630 13.46 15.11 -18.57
N LYS A 631 12.87 16.21 -19.03
CA LYS A 631 13.17 17.52 -18.44
C LYS A 631 12.45 17.73 -17.11
N ILE A 632 11.31 17.09 -16.93
CA ILE A 632 10.53 17.32 -15.71
C ILE A 632 10.44 16.18 -14.72
N ARG A 633 10.92 14.98 -15.08
CA ARG A 633 10.62 13.81 -14.27
C ARG A 633 11.26 13.77 -12.88
N GLU A 634 12.37 14.47 -12.64
CA GLU A 634 12.85 14.54 -11.28
C GLU A 634 11.80 15.18 -10.35
N VAL A 635 11.12 16.22 -10.86
CA VAL A 635 10.07 16.91 -10.12
C VAL A 635 8.77 16.09 -10.11
N THR A 636 8.34 15.55 -11.26
CA THR A 636 7.10 14.76 -11.23
C THR A 636 7.25 13.46 -10.45
N GLN A 637 8.39 12.76 -10.54
CA GLN A 637 8.53 11.50 -9.79
C GLN A 637 8.74 11.70 -8.29
N PHE A 638 9.48 12.73 -7.89
CA PHE A 638 9.89 12.85 -6.49
C PHE A 638 9.48 14.12 -5.74
N GLY A 639 8.87 15.06 -6.43
CA GLY A 639 8.43 16.27 -5.76
C GLY A 639 7.22 15.99 -4.84
N THR A 640 6.99 16.92 -3.94
CA THR A 640 5.85 16.88 -3.05
C THR A 640 4.58 16.97 -3.91
N LEU A 641 3.64 16.03 -3.73
CA LEU A 641 2.40 15.95 -4.52
C LEU A 641 1.27 16.71 -3.86
N TYR A 642 0.56 17.55 -4.63
CA TYR A 642 -0.68 18.19 -4.19
C TYR A 642 -1.75 17.84 -5.20
N ARG A 643 -2.82 17.20 -4.75
CA ARG A 643 -4.03 17.05 -5.54
C ARG A 643 -4.78 18.36 -5.48
N LEU A 644 -5.25 18.85 -6.63
CA LEU A 644 -5.89 20.18 -6.72
C LEU A 644 -7.40 20.10 -7.04
N LYS A 645 -7.76 19.19 -7.93
CA LYS A 645 -9.17 19.03 -8.38
C LYS A 645 -9.48 17.55 -8.57
N ALA A 646 -10.67 17.14 -8.13
CA ALA A 646 -11.09 15.72 -8.30
C ALA A 646 -12.05 15.52 -9.46
N SER A 647 -11.89 14.41 -10.19
CA SER A 647 -12.55 14.23 -11.51
C SER A 647 -14.08 14.34 -11.45
N ALA A 648 -14.67 14.15 -10.27
CA ALA A 648 -16.11 14.31 -10.11
C ALA A 648 -16.57 15.75 -10.36
N SER A 649 -15.63 16.71 -10.27
CA SER A 649 -15.92 18.11 -10.56
C SER A 649 -15.94 18.37 -12.08
N ASN A 650 -15.62 17.34 -12.84
CA ASN A 650 -15.43 17.37 -14.29
C ASN A 650 -14.02 17.75 -14.70
N GLN A 651 -13.17 18.08 -13.72
CA GLN A 651 -11.75 18.29 -13.97
C GLN A 651 -10.98 17.50 -12.94
N CYS A 652 -9.80 17.05 -13.33
CA CYS A 652 -8.86 16.46 -12.40
C CYS A 652 -7.52 17.17 -12.56
N ALA A 653 -6.93 17.60 -11.45
CA ALA A 653 -5.72 18.38 -11.51
C ALA A 653 -4.81 18.05 -10.32
N TRP A 654 -3.50 18.10 -10.58
CA TRP A 654 -2.53 17.79 -9.53
C TRP A 654 -1.22 18.50 -9.90
N MET A 655 -0.27 18.53 -8.97
CA MET A 655 1.01 19.16 -9.21
C MET A 655 2.05 18.61 -8.27
N MET A 656 3.31 18.80 -8.67
CA MET A 656 4.43 18.39 -7.86
C MET A 656 5.36 19.59 -7.70
N VAL A 657 5.93 19.72 -6.50
CA VAL A 657 6.84 20.83 -6.18
C VAL A 657 8.13 20.25 -5.59
N ASP A 658 9.29 20.70 -6.05
CA ASP A 658 10.57 20.21 -5.53
C ASP A 658 10.78 20.61 -4.07
N SER A 659 11.73 19.97 -3.41
CA SER A 659 11.86 20.14 -1.98
C SER A 659 12.19 21.57 -1.53
N ASN A 660 12.81 22.36 -2.40
CA ASN A 660 13.15 23.75 -2.09
C ASN A 660 12.14 24.77 -2.61
N LYS A 661 11.00 24.27 -3.11
CA LYS A 661 9.96 25.13 -3.70
C LYS A 661 10.49 26.04 -4.81
N ASN A 662 11.41 25.50 -5.60
CA ASN A 662 11.95 26.24 -6.73
C ASN A 662 11.38 25.80 -8.07
N GLU A 663 10.67 24.68 -8.12
CA GLU A 663 10.22 24.18 -9.41
C GLU A 663 8.92 23.44 -9.20
N ALA A 664 7.96 23.62 -10.11
CA ALA A 664 6.66 22.96 -10.01
C ALA A 664 6.17 22.53 -11.36
N VAL A 665 5.51 21.38 -11.40
CA VAL A 665 4.90 20.89 -12.63
C VAL A 665 3.44 20.58 -12.33
N VAL A 666 2.54 21.19 -13.09
CA VAL A 666 1.11 21.15 -12.85
C VAL A 666 0.39 20.54 -14.05
N THR A 667 -0.58 19.68 -13.80
CA THR A 667 -1.42 19.14 -14.87
C THR A 667 -2.91 19.31 -14.55
N VAL A 668 -3.68 19.68 -15.58
CA VAL A 668 -5.11 19.92 -15.46
C VAL A 668 -5.80 19.22 -16.65
N VAL A 669 -6.73 18.34 -16.33
CA VAL A 669 -7.43 17.55 -17.33
C VAL A 669 -8.92 17.86 -17.21
N ASN A 670 -9.55 18.21 -18.34
CA ASN A 670 -10.99 18.40 -18.41
C ASN A 670 -11.60 17.12 -18.98
N VAL A 671 -12.66 16.61 -18.35
CA VAL A 671 -13.28 15.38 -18.77
C VAL A 671 -14.33 15.62 -19.83
N MET A 672 -15.55 16.00 -19.46
CA MET A 672 -16.59 16.21 -20.45
CA MET A 672 -16.59 16.22 -20.46
C MET A 672 -16.58 17.63 -21.01
N ALA A 673 -16.59 17.73 -22.34
CA ALA A 673 -16.78 19.01 -23.03
C ALA A 673 -18.23 19.51 -22.85
N HIS A 674 -18.40 20.83 -22.91
CA HIS A 674 -19.73 21.48 -22.87
C HIS A 674 -19.77 22.54 -23.94
N ALA A 675 -20.90 22.67 -24.62
CA ALA A 675 -21.04 23.71 -25.64
C ALA A 675 -21.00 25.11 -25.04
N GLN A 676 -21.49 25.24 -23.82
CA GLN A 676 -21.51 26.54 -23.15
C GLN A 676 -20.82 26.43 -21.78
N PRO A 677 -19.50 26.38 -21.80
CA PRO A 677 -18.76 26.03 -20.59
C PRO A 677 -18.65 27.17 -19.62
N TYR A 678 -18.60 26.84 -18.34
CA TYR A 678 -18.28 27.83 -17.33
C TYR A 678 -16.79 28.10 -17.38
N CYS A 679 -16.38 29.35 -17.18
CA CYS A 679 -14.96 29.64 -17.02
C CYS A 679 -14.47 29.00 -15.71
N THR A 680 -13.32 28.37 -15.75
CA THR A 680 -12.75 27.80 -14.55
C THR A 680 -11.34 28.33 -14.33
N LYS A 681 -10.93 28.34 -13.06
CA LYS A 681 -9.57 28.75 -12.69
C LYS A 681 -8.91 27.59 -11.98
N THR A 682 -7.59 27.54 -12.13
CA THR A 682 -6.75 26.65 -11.34
C THR A 682 -5.83 27.48 -10.44
N LYS A 683 -5.87 27.17 -9.13
CA LYS A 683 -4.97 27.77 -8.14
C LYS A 683 -3.93 26.73 -7.72
N LEU A 684 -2.69 27.18 -7.53
CA LEU A 684 -1.60 26.28 -7.15
C LEU A 684 -1.46 26.18 -5.65
N ALA A 685 -0.61 25.25 -5.23
CA ALA A 685 -0.33 25.04 -3.82
C ALA A 685 1.15 24.69 -3.64
N GLY A 686 1.63 24.85 -2.41
CA GLY A 686 2.96 24.36 -2.06
C GLY A 686 4.13 25.21 -2.51
N LEU A 687 3.86 26.43 -2.96
CA LEU A 687 4.91 27.35 -3.40
C LEU A 687 5.31 28.29 -2.25
N ASP A 688 6.42 28.98 -2.44
CA ASP A 688 6.88 30.03 -1.51
C ASP A 688 6.22 31.32 -1.94
N PRO A 689 5.41 31.92 -1.06
CA PRO A 689 4.66 33.11 -1.48
C PRO A 689 5.55 34.27 -1.86
N ASP A 690 6.81 34.22 -1.44
CA ASP A 690 7.76 35.30 -1.67
C ASP A 690 8.77 35.04 -2.78
N LYS A 691 8.68 33.89 -3.43
CA LYS A 691 9.50 33.65 -4.62
C LYS A 691 8.73 34.10 -5.84
N ARG A 692 9.46 34.30 -6.94
CA ARG A 692 8.90 34.69 -8.23
C ARG A 692 9.15 33.53 -9.17
N TYR A 693 8.07 33.07 -9.79
CA TYR A 693 8.10 31.87 -10.63
C TYR A 693 7.84 32.21 -12.08
N LYS A 694 8.74 31.76 -12.94
CA LYS A 694 8.58 31.88 -14.38
C LYS A 694 7.87 30.67 -14.97
N ASN A 695 6.82 30.95 -15.74
CA ASN A 695 6.17 29.98 -16.60
C ASN A 695 7.08 29.76 -17.77
N LEU A 696 7.62 28.54 -17.90
CA LEU A 696 8.65 28.27 -18.90
C LEU A 696 8.12 28.22 -20.33
N GLU A 697 6.82 28.12 -20.52
CA GLU A 697 6.24 28.14 -21.85
C GLU A 697 6.05 29.59 -22.34
N THR A 698 5.57 30.46 -21.45
CA THR A 698 5.21 31.84 -21.83
C THR A 698 6.26 32.89 -21.46
N ASP A 699 7.23 32.50 -20.63
CA ASP A 699 8.22 33.43 -20.05
C ASP A 699 7.67 34.49 -19.09
N GLU A 700 6.40 34.39 -18.72
CA GLU A 700 5.86 35.36 -17.79
C GLU A 700 6.18 34.94 -16.38
N VAL A 701 6.23 35.91 -15.47
CA VAL A 701 6.69 35.69 -14.11
C VAL A 701 5.63 36.14 -13.10
N PHE A 702 5.39 35.31 -12.08
CA PHE A 702 4.30 35.54 -11.11
C PHE A 702 4.83 35.24 -9.72
N GLY A 703 4.38 36.00 -8.72
CA GLY A 703 4.73 35.67 -7.36
C GLY A 703 4.09 34.33 -6.97
N GLY A 704 4.71 33.59 -6.06
CA GLY A 704 4.08 32.41 -5.51
C GLY A 704 2.72 32.70 -4.89
N ASP A 705 2.61 33.85 -4.23
CA ASP A 705 1.34 34.28 -3.67
C ASP A 705 0.25 34.45 -4.75
N GLU A 706 0.59 35.07 -5.87
CA GLU A 706 -0.35 35.18 -6.98
C GLU A 706 -0.80 33.79 -7.47
N LEU A 707 0.15 32.90 -7.67
CA LEU A 707 -0.19 31.58 -8.23
C LEU A 707 -1.10 30.78 -7.28
N MET A 708 -0.93 30.96 -5.97
CA MET A 708 -1.73 30.24 -5.00
C MET A 708 -3.06 30.91 -4.67
N HIS A 709 -3.11 32.23 -4.70
CA HIS A 709 -4.36 32.97 -4.31
C HIS A 709 -5.19 33.38 -5.51
N LEU A 710 -4.58 33.92 -6.56
CA LEU A 710 -5.30 34.31 -7.77
C LEU A 710 -5.51 33.12 -8.71
N GLY A 711 -4.48 32.32 -8.86
CA GLY A 711 -4.51 31.28 -9.88
C GLY A 711 -4.53 31.87 -11.28
N PHE A 712 -5.09 31.12 -12.21
CA PHE A 712 -5.17 31.57 -13.59
C PHE A 712 -6.33 30.86 -14.27
N TYR A 713 -6.78 31.38 -15.40
CA TYR A 713 -7.87 30.75 -16.16
C TYR A 713 -7.39 29.55 -16.97
N ASP A 714 -8.18 28.46 -16.93
CA ASP A 714 -7.91 27.26 -17.74
C ASP A 714 -8.30 27.61 -19.17
N PRO A 715 -7.56 27.07 -20.14
CA PRO A 715 -7.99 27.25 -21.54
C PRO A 715 -9.37 26.64 -21.82
N ILE A 716 -10.11 27.25 -22.74
CA ILE A 716 -11.45 26.77 -23.11
C ILE A 716 -11.33 26.24 -24.52
N GLU A 717 -11.52 24.94 -24.66
CA GLU A 717 -11.39 24.30 -25.97
C GLU A 717 -12.52 23.31 -26.19
N ARG A 718 -12.86 23.06 -27.43
CA ARG A 718 -13.79 22.00 -27.72
C ARG A 718 -13.15 20.60 -27.63
N GLY A 719 -13.98 19.60 -27.40
CA GLY A 719 -13.55 18.21 -27.40
C GLY A 719 -13.46 17.66 -25.97
N ASP A 720 -13.79 16.39 -25.84
CA ASP A 720 -13.70 15.72 -24.58
C ASP A 720 -12.25 15.38 -24.26
N PHE A 721 -12.00 15.22 -22.97
CA PHE A 721 -10.75 14.57 -22.48
C PHE A 721 -9.48 15.32 -22.86
N LYS A 722 -9.44 16.63 -22.58
CA LYS A 722 -8.32 17.49 -22.97
C LYS A 722 -7.46 17.82 -21.77
N ALA A 723 -6.15 17.91 -21.98
CA ALA A 723 -5.19 18.14 -20.88
C ALA A 723 -4.26 19.29 -21.21
N LYS A 724 -3.78 19.97 -20.14
CA LYS A 724 -2.76 20.99 -20.28
C LYS A 724 -1.77 20.83 -19.12
N MET A 725 -0.49 20.99 -19.40
CA MET A 725 0.58 20.96 -18.39
C MET A 725 1.26 22.32 -18.32
N TYR A 726 1.80 22.62 -17.13
CA TYR A 726 2.50 23.87 -16.86
C TYR A 726 3.78 23.54 -16.12
N HIS A 727 4.85 24.27 -16.43
CA HIS A 727 6.12 24.10 -15.73
C HIS A 727 6.61 25.47 -15.26
N PHE A 728 6.78 25.61 -13.94
CA PHE A 728 7.23 26.85 -13.32
C PHE A 728 8.58 26.65 -12.65
N LYS A 729 9.44 27.67 -12.75
CA LYS A 729 10.72 27.66 -12.08
C LYS A 729 11.01 29.01 -11.46
N ALA A 730 11.46 29.00 -10.21
CA ALA A 730 11.72 30.23 -9.48
C ALA A 730 12.92 30.92 -10.12
N ILE A 731 12.87 32.25 -10.22
CA ILE A 731 13.98 32.99 -10.84
C ILE A 731 14.82 33.61 -9.74
N ASN A 732 16.08 33.88 -10.06
CA ASN A 732 16.93 34.63 -9.14
C ASN A 732 17.17 36.05 -9.66
C1 GLA B . -1.65 -8.99 -16.00
C2 GLA B . -0.85 -7.76 -15.86
C3 GLA B . -0.52 -7.28 -17.18
C4 GLA B . 0.10 -8.36 -17.99
C5 GLA B . -0.50 -9.69 -17.87
C6 GLA B . 0.16 -10.82 -18.62
O1 GLA B . -3.03 -8.77 -16.29
O2 GLA B . -1.35 -6.90 -14.90
O3 GLA B . 0.17 -6.05 -17.17
O4 GLA B . 1.42 -8.50 -17.53
O5 GLA B . -1.00 -10.05 -16.60
O6 GLA B . -0.53 -11.98 -18.65
H1 GLA B . -1.69 -9.33 -14.96
H2 GLA B . 0.09 -8.06 -15.42
H3 GLA B . -1.46 -7.01 -17.67
H4 GLA B . 0.06 -8.08 -19.04
H5 GLA B . -1.41 -9.58 -18.45
H61 GLA B . 0.32 -10.53 -19.54
H62 GLA B . 1.02 -11.00 -18.20
HO1 GLA B . -3.54 -9.29 -15.78
HO2 GLA B . -0.78 -6.84 -14.22
HO3 GLA B . -0.36 -5.41 -17.51
HO4 GLA B . 1.95 -7.92 -17.95
HO6 GLA B . -0.12 -12.55 -19.17
N1 IMD C . -5.19 -10.79 -14.45
C2 IMD C . -5.97 -11.84 -14.10
N3 IMD C . -7.23 -11.62 -14.57
C4 IMD C . -7.22 -10.42 -15.19
C5 IMD C . -5.92 -9.91 -15.14
HN1 IMD C . -4.23 -10.71 -14.24
H2 IMD C . -5.69 -12.64 -13.59
HN3 IMD C . -8.01 -12.20 -14.46
H4 IMD C . -7.98 -9.99 -15.64
H5 IMD C . -5.60 -9.06 -15.50
C1 GOL D . -12.80 -18.82 -1.66
O1 GOL D . -13.02 -20.23 -1.88
C2 GOL D . -12.58 -18.52 -0.17
O2 GOL D . -13.75 -18.80 0.61
C3 GOL D . -11.44 -19.35 0.43
O3 GOL D . -11.28 -19.00 1.81
C1 GOL E . -11.06 12.09 20.82
O1 GOL E . -11.78 13.09 21.55
C2 GOL E . -10.20 11.23 21.74
O2 GOL E . -11.08 10.43 22.51
C3 GOL E . -9.19 10.31 21.04
O3 GOL E . -8.27 11.06 20.24
C1 GOL F . -7.79 21.39 -19.15
O1 GOL F . -6.66 22.15 -18.75
C2 GOL F . -8.50 22.16 -20.25
O2 GOL F . -8.53 23.53 -19.88
C3 GOL F . -7.70 22.04 -21.54
O3 GOL F . -8.57 22.54 -22.54
C1 GOL G . 10.19 -26.56 -14.04
O1 GOL G . 9.85 -26.81 -15.39
C2 GOL G . 10.56 -27.86 -13.36
O2 GOL G . 11.45 -28.57 -14.18
C3 GOL G . 11.26 -27.59 -12.03
O3 GOL G . 11.14 -28.76 -11.24
C1 GOL H . 13.88 -19.64 -1.28
O1 GOL H . 15.19 -20.21 -1.32
C2 GOL H . 13.49 -19.27 0.15
O2 GOL H . 12.22 -18.57 0.17
C3 GOL H . 13.37 -20.59 0.91
O3 GOL H . 13.28 -20.31 2.31
C1 GOL I . 3.11 14.48 29.77
O1 GOL I . 4.44 14.15 29.38
C2 GOL I . 2.92 14.17 31.24
O2 GOL I . 2.38 15.35 31.81
C3 GOL I . 2.01 12.96 31.48
O3 GOL I . 1.09 13.23 32.55
C1 GOL J . 4.80 -16.27 13.41
O1 GOL J . 5.95 -16.90 13.94
C2 GOL J . 5.12 -14.84 13.03
O2 GOL J . 5.66 -14.11 14.11
C3 GOL J . 6.16 -14.81 11.93
O3 GOL J . 6.22 -13.50 11.45
C1 GOL K . -15.14 -30.40 -3.78
O1 GOL K . -14.90 -29.15 -3.13
C2 GOL K . -15.44 -30.33 -5.29
O2 GOL K . -14.58 -29.47 -5.98
C3 GOL K . -15.33 -31.74 -5.90
O3 GOL K . -14.01 -32.25 -6.00
C1 GOL L . -29.07 4.63 33.42
O1 GOL L . -30.47 4.86 33.36
C2 GOL L . -28.82 3.13 33.49
O2 GOL L . -28.28 2.64 32.27
C3 GOL L . -27.91 2.79 34.67
O3 GOL L . -27.99 1.41 34.90
C1 GOL M . -9.89 -30.53 12.71
O1 GOL M . -11.24 -30.12 12.87
C2 GOL M . -8.97 -29.37 13.08
O2 GOL M . -9.73 -28.20 13.19
C3 GOL M . -8.32 -29.68 14.42
O3 GOL M . -8.04 -31.07 14.49
C1 GOL N . -12.13 13.60 -0.33
O1 GOL N . -13.46 13.54 0.06
C2 GOL N . -11.97 15.02 -0.87
O2 GOL N . -12.09 15.98 0.20
C3 GOL N . -10.62 15.03 -1.56
O3 GOL N . -10.28 13.69 -1.87
C1 GOL O . 13.27 26.29 1.46
O1 GOL O . 13.56 24.91 1.55
C2 GOL O . 11.88 26.55 0.86
O2 GOL O . 10.86 26.08 1.71
C3 GOL O . 11.72 28.06 0.77
O3 GOL O . 11.21 28.36 -0.50
C1 GOL P . -0.10 30.43 -16.31
O1 GOL P . 1.03 31.12 -15.82
C2 GOL P . -0.69 31.43 -17.28
O2 GOL P . -1.74 30.78 -17.98
C3 GOL P . -1.12 32.65 -16.44
O3 GOL P . -2.35 33.19 -16.84
C1 GOL Q . 5.53 -28.00 10.25
O1 GOL Q . 4.76 -28.65 11.24
C2 GOL Q . 5.90 -26.61 10.76
O2 GOL Q . 6.32 -25.81 9.67
C3 GOL Q . 4.66 -25.99 11.38
O3 GOL Q . 4.69 -26.07 12.78
C1 GOL R . -5.18 -12.48 -23.43
O1 GOL R . -4.73 -12.92 -24.69
C2 GOL R . -5.71 -11.07 -23.59
O2 GOL R . -6.49 -10.97 -24.77
C3 GOL R . -6.51 -10.64 -22.37
O3 GOL R . -6.78 -9.26 -22.42
C1 GOL S . 8.02 -18.99 6.16
O1 GOL S . 7.93 -18.18 7.30
C2 GOL S . 7.39 -20.32 6.53
O2 GOL S . 7.97 -21.29 5.69
C3 GOL S . 5.88 -20.31 6.28
O3 GOL S . 5.37 -21.65 6.40
C1 GOL T . -13.36 22.46 -11.56
O1 GOL T . -12.97 21.37 -10.71
C2 GOL T . -14.03 23.52 -10.69
O2 GOL T . -14.95 24.27 -11.45
C3 GOL T . -12.98 24.44 -10.07
O3 GOL T . -12.14 24.94 -11.08
C1 GOL U . -1.39 -23.14 31.27
O1 GOL U . 0.02 -23.13 31.48
C2 GOL U . -1.71 -22.49 29.93
O2 GOL U . -0.95 -23.07 28.88
C3 GOL U . -3.21 -22.54 29.64
O3 GOL U . -3.68 -23.87 29.50
C1 GOL V . 17.61 7.47 -15.99
O1 GOL V . 18.77 7.86 -16.67
C2 GOL V . 17.57 5.95 -16.00
O2 GOL V . 16.33 5.49 -15.51
C3 GOL V . 17.68 5.50 -17.44
O3 GOL V . 17.76 4.09 -17.41
C1 GOL W . -21.18 12.47 17.42
O1 GOL W . -22.46 12.76 16.90
C2 GOL W . -21.37 11.55 18.60
O2 GOL W . -21.49 10.21 18.19
C3 GOL W . -20.16 11.66 19.49
O3 GOL W . -20.47 11.01 20.69
C1 GOL X . 19.53 -15.13 -19.60
O1 GOL X . 20.06 -14.30 -18.60
C2 GOL X . 19.89 -16.56 -19.23
O2 GOL X . 18.98 -17.39 -19.90
C3 GOL X . 21.29 -16.79 -19.75
O3 GOL X . 21.33 -16.22 -21.04
C1 GOL Y . 23.60 -18.14 -15.06
O1 GOL Y . 23.24 -19.14 -14.14
C2 GOL Y . 24.19 -18.83 -16.28
O2 GOL Y . 23.58 -20.09 -16.48
C3 GOL Y . 23.87 -17.94 -17.46
O3 GOL Y . 24.18 -16.66 -17.01
C1 GOL Z . 22.86 -20.69 -6.38
O1 GOL Z . 22.31 -21.63 -7.27
C2 GOL Z . 21.85 -20.53 -5.25
O2 GOL Z . 21.38 -21.82 -4.96
C3 GOL Z . 22.58 -20.07 -4.00
O3 GOL Z . 23.41 -21.14 -3.61
C1 GOL AA . 16.52 30.41 -7.21
O1 GOL AA . 16.56 29.15 -7.84
C2 GOL AA . 15.19 30.59 -6.47
O2 GOL AA . 15.31 30.18 -5.14
C3 GOL AA . 14.78 32.05 -6.45
O3 GOL AA . 14.93 32.50 -5.12
C1 GOL BA . -8.61 -4.49 27.99
O1 GOL BA . -8.07 -3.48 27.18
C2 GOL BA . -7.42 -5.37 28.22
O2 GOL BA . -6.75 -5.46 26.98
C3 GOL BA . -6.51 -4.69 29.21
O3 GOL BA . -6.10 -3.49 28.61
#